data_9CYK
#
_entry.id   9CYK
#
_cell.length_a   67.117
_cell.length_b   71.454
_cell.length_c   176.452
_cell.angle_alpha   90.000
_cell.angle_beta   90.000
_cell.angle_gamma   90.000
#
_symmetry.space_group_name_H-M   'P 2 21 21'
#
loop_
_entity.id
_entity.type
_entity.pdbx_description
1 polymer 'Papain-like protease'
2 non-polymer {(3R)-1-[(1s,4S)-4-hydroxycyclohexyl]piperidin-3-yl}(6-methoxynaphthalen-2-yl)methanone
3 non-polymer 'ACETIC ACID'
4 non-polymer GLYCEROL
5 water water
#
_entity_poly.entity_id   1
_entity_poly.type   'polypeptide(L)'
_entity_poly.pdbx_seq_one_letter_code
;SNAEVRTIKVFTTVDNINLHTQVVDMSMTYGQQFGPTYLDGADVTKIKPHNSHEGKTFYVLPNDDTLRVEAFEYYHTTDP
SFLGRYMSALNHTKKWKYPQVNGLTSIKWADNNSYLATALLTLQQIELKFNPPALQDAYYRARAGEAANFCALILAYCNK
TVGELGDVRETMSYLFQHANLDSCKRVLNVVCKTCGQQQTTLKGVEAVMYMGTLSYEQFKKGVQIPCTCGKQATKYLVQQ
ESPFVMMSAPPAQYELKHGTFTCASEYTGNYQCGHYKHITSKETLYCIDGALLTKSSEYKGPITDVFYKENSYTTTIK
;
_entity_poly.pdbx_strand_id   A,B
#
loop_
_chem_comp.id
_chem_comp.type
_chem_comp.name
_chem_comp.formula
A1A0V non-polymer {(3R)-1-[(1s,4S)-4-hydroxycyclohexyl]piperidin-3-yl}(6-methoxynaphthalen-2-yl)methanone 'C23 H29 N O3'
ACY non-polymer 'ACETIC ACID' 'C2 H4 O2'
GOL non-polymer GLYCEROL 'C3 H8 O3'
#
# COMPACT_ATOMS: atom_id res chain seq x y z
N VAL A 5 -6.14 47.86 -18.72
CA VAL A 5 -6.21 46.42 -18.55
C VAL A 5 -7.18 46.07 -17.42
N ARG A 6 -8.27 45.39 -17.77
CA ARG A 6 -9.31 45.01 -16.83
C ARG A 6 -8.92 43.69 -16.18
N THR A 7 -9.09 43.61 -14.85
CA THR A 7 -8.65 42.43 -14.11
C THR A 7 -9.62 42.12 -12.97
N ILE A 8 -9.48 40.90 -12.44
CA ILE A 8 -10.20 40.43 -11.26
C ILE A 8 -9.19 39.68 -10.39
N LYS A 9 -9.48 39.56 -9.10
CA LYS A 9 -8.70 38.70 -8.22
C LYS A 9 -9.39 37.35 -8.06
N VAL A 10 -8.61 36.27 -8.20
CA VAL A 10 -9.07 34.92 -7.95
C VAL A 10 -8.03 34.23 -7.07
N PHE A 11 -8.41 33.07 -6.55
CA PHE A 11 -7.50 32.19 -5.84
C PHE A 11 -7.21 30.96 -6.69
N THR A 12 -5.94 30.57 -6.75
CA THR A 12 -5.55 29.28 -7.31
C THR A 12 -5.13 28.34 -6.20
N THR A 13 -5.21 27.04 -6.48
CA THR A 13 -4.96 26.02 -5.46
C THR A 13 -4.77 24.69 -6.15
N VAL A 14 -4.05 23.79 -5.47
CA VAL A 14 -4.07 22.38 -5.84
C VAL A 14 -4.77 21.53 -4.79
N ASP A 15 -4.97 22.04 -3.57
CA ASP A 15 -5.52 21.26 -2.48
C ASP A 15 -6.75 21.87 -1.82
N ASN A 16 -7.13 23.10 -2.16
CA ASN A 16 -8.25 23.82 -1.55
C ASN A 16 -8.05 24.05 -0.06
N ILE A 17 -6.79 23.95 0.37
CA ILE A 17 -6.37 24.26 1.73
C ILE A 17 -5.48 25.49 1.72
N ASN A 18 -4.53 25.53 0.81
CA ASN A 18 -3.61 26.64 0.62
C ASN A 18 -4.06 27.40 -0.63
N LEU A 19 -4.54 28.62 -0.43
CA LEU A 19 -5.09 29.43 -1.51
C LEU A 19 -4.07 30.51 -1.88
N HIS A 20 -3.86 30.69 -3.18
CA HIS A 20 -2.86 31.60 -3.72
C HIS A 20 -3.56 32.68 -4.52
N THR A 21 -3.48 33.92 -4.02
CA THR A 21 -4.13 35.05 -4.67
C THR A 21 -3.47 35.36 -6.00
N GLN A 22 -4.29 35.57 -7.03
CA GLN A 22 -3.79 35.92 -8.35
C GLN A 22 -4.60 37.06 -8.93
N VAL A 23 -3.94 37.90 -9.73
CA VAL A 23 -4.59 38.92 -10.54
C VAL A 23 -4.68 38.38 -11.96
N VAL A 24 -5.89 38.31 -12.51
CA VAL A 24 -6.13 37.68 -13.81
C VAL A 24 -6.42 38.75 -14.85
N ASP A 25 -5.71 38.67 -15.97
CA ASP A 25 -5.99 39.53 -17.12
C ASP A 25 -7.23 39.01 -17.84
N MET A 26 -8.30 39.80 -17.83
CA MET A 26 -9.59 39.38 -18.37
C MET A 26 -9.60 39.24 -19.88
N SER A 27 -8.53 39.66 -20.56
CA SER A 27 -8.45 39.56 -22.01
C SER A 27 -7.77 38.27 -22.47
N MET A 28 -7.29 37.46 -21.53
CA MET A 28 -6.60 36.22 -21.83
C MET A 28 -7.37 35.07 -21.18
N THR A 29 -7.22 33.87 -21.74
CA THR A 29 -7.86 32.71 -21.16
C THR A 29 -7.14 32.27 -19.89
N TYR A 30 -7.86 31.54 -19.02
CA TYR A 30 -7.21 30.96 -17.86
C TYR A 30 -6.02 30.12 -18.25
N GLY A 31 -6.11 29.41 -19.38
CA GLY A 31 -5.01 28.57 -19.82
C GLY A 31 -3.77 29.37 -20.17
N GLN A 32 -3.94 30.54 -20.77
CA GLN A 32 -2.80 31.37 -21.12
C GLN A 32 -2.06 31.88 -19.89
N GLN A 33 -2.75 31.95 -18.74
CA GLN A 33 -2.19 32.54 -17.54
C GLN A 33 -1.78 31.52 -16.49
N PHE A 34 -2.50 30.39 -16.39
CA PHE A 34 -2.21 29.40 -15.36
C PHE A 34 -1.85 28.03 -15.91
N GLY A 35 -2.07 27.77 -17.19
CA GLY A 35 -2.14 26.42 -17.69
C GLY A 35 -3.52 25.85 -17.46
N PRO A 36 -3.64 24.52 -17.54
CA PRO A 36 -4.97 23.89 -17.35
C PRO A 36 -5.60 24.30 -16.02
N THR A 37 -6.81 24.85 -16.10
CA THR A 37 -7.50 25.45 -14.97
C THR A 37 -8.90 24.88 -14.84
N TYR A 38 -9.35 24.70 -13.60
CA TYR A 38 -10.66 24.12 -13.34
C TYR A 38 -11.40 24.94 -12.31
N LEU A 39 -12.71 25.07 -12.53
CA LEU A 39 -13.63 25.69 -11.58
C LEU A 39 -14.64 24.64 -11.15
N ASP A 40 -14.53 24.19 -9.92
CA ASP A 40 -15.42 23.16 -9.37
C ASP A 40 -15.54 21.98 -10.35
N GLY A 41 -14.39 21.54 -10.86
CA GLY A 41 -14.32 20.41 -11.76
C GLY A 41 -14.45 20.73 -13.24
N ALA A 42 -15.07 21.85 -13.59
CA ALA A 42 -15.23 22.21 -14.99
C ALA A 42 -13.94 22.76 -15.56
N ASP A 43 -13.56 22.30 -16.75
CA ASP A 43 -12.34 22.73 -17.41
C ASP A 43 -12.58 24.12 -18.00
N VAL A 44 -11.95 25.13 -17.41
CA VAL A 44 -12.09 26.52 -17.86
C VAL A 44 -10.81 27.00 -18.52
N THR A 45 -9.95 26.07 -18.93
CA THR A 45 -8.69 26.45 -19.56
C THR A 45 -8.90 27.39 -20.74
N LYS A 46 -9.90 27.12 -21.57
CA LYS A 46 -10.13 27.90 -22.77
C LYS A 46 -11.07 29.06 -22.55
N ILE A 47 -11.48 29.31 -21.31
CA ILE A 47 -12.46 30.35 -21.00
C ILE A 47 -11.71 31.60 -20.58
N LYS A 48 -12.20 32.76 -21.03
CA LYS A 48 -11.69 34.02 -20.52
C LYS A 48 -12.43 34.35 -19.22
N PRO A 49 -11.78 35.08 -18.31
CA PRO A 49 -12.45 35.36 -17.03
C PRO A 49 -13.81 36.03 -17.22
N HIS A 50 -14.74 35.67 -16.36
CA HIS A 50 -16.01 36.38 -16.22
C HIS A 50 -15.97 37.24 -14.95
N ASN A 51 -16.78 38.29 -14.94
CA ASN A 51 -16.86 39.14 -13.75
C ASN A 51 -17.32 38.34 -12.54
N SER A 52 -18.16 37.33 -12.76
CA SER A 52 -18.67 36.49 -11.68
C SER A 52 -17.59 35.64 -11.03
N HIS A 53 -16.45 35.46 -11.70
CA HIS A 53 -15.36 34.64 -11.17
C HIS A 53 -14.60 35.34 -10.07
N GLU A 54 -14.94 36.59 -9.77
CA GLU A 54 -14.20 37.36 -8.77
C GLU A 54 -14.18 36.63 -7.43
N GLY A 55 -12.98 36.49 -6.88
CA GLY A 55 -12.86 35.90 -5.57
C GLY A 55 -13.11 34.41 -5.49
N LYS A 56 -13.32 33.75 -6.62
CA LYS A 56 -13.56 32.31 -6.58
C LYS A 56 -12.24 31.55 -6.63
N THR A 57 -12.31 30.29 -6.24
CA THR A 57 -11.14 29.41 -6.15
C THR A 57 -11.08 28.49 -7.36
N PHE A 58 -9.94 28.48 -8.02
CA PHE A 58 -9.70 27.62 -9.17
C PHE A 58 -8.59 26.63 -8.87
N TYR A 59 -8.77 25.39 -9.33
CA TYR A 59 -7.70 24.41 -9.29
C TYR A 59 -6.80 24.56 -10.51
N VAL A 60 -5.50 24.41 -10.30
CA VAL A 60 -4.53 24.41 -11.38
C VAL A 60 -3.64 23.18 -11.23
N LEU A 61 -2.89 22.89 -12.27
CA LEU A 61 -1.98 21.77 -12.17
C LEU A 61 -0.71 22.19 -11.44
N PRO A 62 -0.13 21.31 -10.60
CA PRO A 62 1.08 21.72 -9.87
C PRO A 62 2.26 21.86 -10.83
N ASN A 63 2.51 23.10 -11.28
CA ASN A 63 3.54 23.39 -12.27
C ASN A 63 4.78 24.03 -11.68
N ASP A 64 4.88 24.12 -10.35
CA ASP A 64 6.08 24.63 -9.70
C ASP A 64 6.30 23.88 -8.39
N ASP A 65 7.50 24.07 -7.81
CA ASP A 65 7.84 23.34 -6.59
C ASP A 65 6.82 23.54 -5.49
N THR A 66 6.37 24.78 -5.30
CA THR A 66 5.47 25.08 -4.20
C THR A 66 4.18 24.28 -4.33
N LEU A 67 3.59 24.29 -5.53
CA LEU A 67 2.35 23.53 -5.74
C LEU A 67 2.61 22.03 -5.75
N ARG A 68 3.76 21.59 -6.26
CA ARG A 68 4.06 20.16 -6.24
C ARG A 68 4.12 19.64 -4.81
N VAL A 69 4.78 20.38 -3.92
CA VAL A 69 4.84 19.98 -2.52
C VAL A 69 3.45 19.95 -1.91
N GLU A 70 2.67 21.01 -2.13
CA GLU A 70 1.31 21.06 -1.57
C GLU A 70 0.47 19.89 -2.05
N ALA A 71 0.55 19.55 -3.35
CA ALA A 71 -0.23 18.45 -3.87
C ALA A 71 0.23 17.10 -3.29
N PHE A 72 1.54 16.86 -3.25
CA PHE A 72 2.01 15.60 -2.70
C PHE A 72 1.62 15.46 -1.23
N GLU A 73 1.75 16.55 -0.47
CA GLU A 73 1.38 16.47 0.94
C GLU A 73 -0.11 16.23 1.13
N TYR A 74 -0.94 16.65 0.17
CA TYR A 74 -2.38 16.51 0.34
C TYR A 74 -2.89 15.18 -0.22
N TYR A 75 -2.40 14.76 -1.40
CA TYR A 75 -2.90 13.58 -2.08
C TYR A 75 -2.04 12.34 -1.92
N HIS A 76 -0.77 12.51 -1.53
CA HIS A 76 0.17 11.39 -1.38
C HIS A 76 0.35 10.59 -2.67
N THR A 77 0.33 11.29 -3.81
CA THR A 77 0.67 10.65 -5.06
C THR A 77 1.51 11.62 -5.88
N THR A 78 2.41 11.06 -6.66
CA THR A 78 3.23 11.85 -7.57
C THR A 78 2.71 11.79 -9.00
N ASP A 79 1.65 11.02 -9.25
CA ASP A 79 1.06 10.86 -10.57
C ASP A 79 0.63 12.23 -11.11
N PRO A 80 1.30 12.74 -12.14
CA PRO A 80 0.93 14.06 -12.67
C PRO A 80 -0.47 14.13 -13.25
N SER A 81 -1.07 13.00 -13.60
CA SER A 81 -2.41 13.01 -14.18
C SER A 81 -3.50 13.00 -13.13
N PHE A 82 -3.14 12.93 -11.85
CA PHE A 82 -4.16 12.72 -10.82
C PHE A 82 -5.15 13.88 -10.76
N LEU A 83 -4.64 15.11 -10.69
CA LEU A 83 -5.53 16.25 -10.50
C LEU A 83 -6.55 16.35 -11.65
N GLY A 84 -6.09 16.18 -12.88
CA GLY A 84 -6.99 16.24 -14.02
C GLY A 84 -8.07 15.16 -13.96
N ARG A 85 -7.70 13.96 -13.53
CA ARG A 85 -8.67 12.87 -13.45
C ARG A 85 -9.65 13.11 -12.30
N TYR A 86 -9.15 13.68 -11.21
CA TYR A 86 -10.02 14.05 -10.09
C TYR A 86 -11.01 15.13 -10.49
N MET A 87 -10.54 16.18 -11.17
CA MET A 87 -11.45 17.24 -11.61
C MET A 87 -12.46 16.71 -12.63
N SER A 88 -12.02 15.88 -13.57
CA SER A 88 -12.94 15.32 -14.55
C SER A 88 -14.07 14.57 -13.87
N ALA A 89 -13.74 13.76 -12.87
CA ALA A 89 -14.75 13.00 -12.13
C ALA A 89 -15.65 13.94 -11.33
N LEU A 90 -15.05 14.94 -10.68
CA LEU A 90 -15.80 15.84 -9.81
C LEU A 90 -16.85 16.62 -10.59
N ASN A 91 -16.55 16.96 -11.85
CA ASN A 91 -17.53 17.68 -12.66
C ASN A 91 -18.80 16.86 -12.82
N HIS A 92 -18.70 15.53 -12.75
CA HIS A 92 -19.86 14.66 -12.80
C HIS A 92 -20.43 14.40 -11.41
N THR A 93 -19.58 14.03 -10.44
CA THR A 93 -20.11 13.61 -9.14
C THR A 93 -20.76 14.77 -8.39
N LYS A 94 -20.37 16.02 -8.69
CA LYS A 94 -21.01 17.17 -8.04
C LYS A 94 -22.48 17.27 -8.42
N LYS A 95 -22.88 16.67 -9.55
CA LYS A 95 -24.26 16.71 -10.01
C LYS A 95 -25.07 15.51 -9.52
N TRP A 96 -24.44 14.52 -8.89
CA TRP A 96 -25.19 13.41 -8.31
C TRP A 96 -25.95 13.88 -7.07
N LYS A 97 -26.94 13.09 -6.65
CA LYS A 97 -27.69 13.38 -5.44
C LYS A 97 -27.28 12.42 -4.35
N TYR A 98 -27.19 12.94 -3.12
CA TYR A 98 -26.63 12.21 -1.99
C TYR A 98 -27.65 12.24 -0.86
N PRO A 99 -28.71 11.45 -0.97
CA PRO A 99 -29.74 11.44 0.06
C PRO A 99 -29.27 10.72 1.32
N GLN A 100 -29.77 11.18 2.46
CA GLN A 100 -29.62 10.43 3.71
C GLN A 100 -30.63 9.30 3.70
N VAL A 101 -30.15 8.06 3.82
CA VAL A 101 -30.99 6.86 3.79
C VAL A 101 -30.68 6.04 5.03
N ASN A 102 -31.65 5.90 5.94
CA ASN A 102 -31.44 5.05 7.11
C ASN A 102 -30.19 5.51 7.87
N GLY A 103 -30.03 6.82 7.98
CA GLY A 103 -28.93 7.43 8.72
C GLY A 103 -27.59 7.50 8.01
N LEU A 104 -27.51 7.10 6.74
CA LEU A 104 -26.26 6.99 6.00
C LEU A 104 -26.32 7.81 4.73
N THR A 105 -25.20 8.41 4.35
CA THR A 105 -25.13 9.09 3.05
C THR A 105 -25.06 8.05 1.93
N SER A 106 -26.02 8.09 1.02
CA SER A 106 -26.05 7.20 -0.14
C SER A 106 -25.89 8.03 -1.41
N ILE A 107 -26.07 7.39 -2.57
CA ILE A 107 -26.04 8.06 -3.86
C ILE A 107 -27.23 7.61 -4.70
N LYS A 108 -28.00 8.57 -5.21
CA LYS A 108 -29.04 8.25 -6.18
C LYS A 108 -28.40 7.71 -7.45
N TRP A 109 -29.01 6.67 -8.04
CA TRP A 109 -28.36 5.97 -9.14
C TRP A 109 -28.11 6.91 -10.33
N ALA A 110 -26.90 6.83 -10.88
CA ALA A 110 -26.50 7.53 -12.09
C ALA A 110 -25.15 6.98 -12.52
N ASP A 111 -24.92 6.96 -13.83
CA ASP A 111 -23.59 6.71 -14.36
C ASP A 111 -23.00 5.39 -13.84
N ASN A 112 -23.81 4.35 -13.77
CA ASN A 112 -23.36 3.02 -13.35
C ASN A 112 -22.67 3.08 -11.98
N ASN A 113 -23.22 3.85 -11.06
CA ASN A 113 -22.51 4.14 -9.81
C ASN A 113 -22.99 3.29 -8.63
N SER A 114 -23.68 2.17 -8.88
CA SER A 114 -24.14 1.35 -7.77
C SER A 114 -22.97 0.82 -6.93
N TYR A 115 -21.83 0.54 -7.55
CA TYR A 115 -20.70 0.02 -6.78
C TYR A 115 -20.14 1.10 -5.86
N LEU A 116 -20.14 2.35 -6.31
CA LEU A 116 -19.67 3.45 -5.48
C LEU A 116 -20.64 3.77 -4.33
N ALA A 117 -21.93 3.73 -4.61
CA ALA A 117 -22.88 3.90 -3.53
C ALA A 117 -22.71 2.82 -2.48
N THR A 118 -22.54 1.58 -2.93
CA THR A 118 -22.39 0.48 -1.99
C THR A 118 -21.09 0.60 -1.20
N ALA A 119 -19.99 1.00 -1.85
CA ALA A 119 -18.74 1.23 -1.12
C ALA A 119 -18.89 2.39 -0.14
N LEU A 120 -19.50 3.49 -0.58
CA LEU A 120 -19.68 4.64 0.31
C LEU A 120 -20.47 4.26 1.56
N LEU A 121 -21.55 3.51 1.39
CA LEU A 121 -22.32 3.05 2.54
C LEU A 121 -21.48 2.20 3.48
N THR A 122 -20.69 1.28 2.92
CA THR A 122 -19.84 0.43 3.75
C THR A 122 -18.82 1.24 4.53
N LEU A 123 -18.19 2.20 3.86
CA LEU A 123 -17.13 2.99 4.50
C LEU A 123 -17.64 3.74 5.73
N GLN A 124 -18.93 4.06 5.76
CA GLN A 124 -19.50 4.74 6.92
C GLN A 124 -19.80 3.82 8.09
N GLN A 125 -19.66 2.51 7.91
CA GLN A 125 -19.97 1.56 8.97
C GLN A 125 -18.74 0.84 9.53
N ILE A 126 -17.55 1.05 8.96
CA ILE A 126 -16.30 0.48 9.44
C ILE A 126 -15.36 1.63 9.76
N GLU A 127 -14.49 1.41 10.73
CA GLU A 127 -13.57 2.44 11.22
C GLU A 127 -12.29 2.44 10.38
N LEU A 128 -12.05 3.53 9.66
CA LEU A 128 -10.89 3.63 8.78
C LEU A 128 -10.24 5.00 8.90
N LYS A 129 -8.91 5.01 9.02
CA LYS A 129 -8.09 6.21 9.09
C LYS A 129 -7.26 6.33 7.81
N PHE A 130 -7.67 7.22 6.93
CA PHE A 130 -6.96 7.41 5.67
C PHE A 130 -5.64 8.15 5.88
N ASN A 131 -4.63 7.77 5.11
CA ASN A 131 -3.32 8.42 5.21
C ASN A 131 -3.29 9.77 4.48
N PRO A 132 -3.76 9.84 3.23
CA PRO A 132 -3.78 11.14 2.53
C PRO A 132 -4.79 12.07 3.17
N PRO A 133 -4.36 13.28 3.57
CA PRO A 133 -5.35 14.25 4.09
C PRO A 133 -6.54 14.45 3.17
N ALA A 134 -6.34 14.35 1.84
CA ALA A 134 -7.44 14.56 0.92
C ALA A 134 -8.56 13.55 1.17
N LEU A 135 -8.21 12.28 1.45
CA LEU A 135 -9.25 11.29 1.70
C LEU A 135 -9.87 11.44 3.08
N GLN A 136 -9.06 11.75 4.09
CA GLN A 136 -9.62 11.94 5.42
C GLN A 136 -10.61 13.09 5.44
N ASP A 137 -10.23 14.22 4.81
CA ASP A 137 -11.12 15.38 4.78
C ASP A 137 -12.41 15.08 4.05
N ALA A 138 -12.31 14.54 2.83
CA ALA A 138 -13.48 14.32 2.00
C ALA A 138 -14.36 13.20 2.58
N TYR A 139 -13.76 12.29 3.33
CA TYR A 139 -14.49 11.21 3.99
C TYR A 139 -15.37 11.78 5.10
N TYR A 140 -14.84 12.72 5.88
CA TYR A 140 -15.65 13.34 6.91
C TYR A 140 -16.75 14.21 6.31
N ARG A 141 -16.47 14.87 5.18
CA ARG A 141 -17.51 15.63 4.50
C ARG A 141 -18.59 14.69 4.00
N ALA A 142 -18.20 13.53 3.48
CA ALA A 142 -19.17 12.54 3.01
C ALA A 142 -20.05 12.03 4.14
N ARG A 143 -19.46 11.70 5.28
CA ARG A 143 -20.28 11.24 6.40
C ARG A 143 -21.29 12.32 6.78
N ALA A 144 -20.93 13.59 6.59
CA ALA A 144 -21.83 14.70 6.93
C ALA A 144 -22.85 15.00 5.83
N GLY A 145 -22.79 14.31 4.69
CA GLY A 145 -23.78 14.45 3.63
C GLY A 145 -23.28 14.96 2.30
N GLU A 146 -22.07 15.50 2.23
CA GLU A 146 -21.55 16.09 0.99
C GLU A 146 -20.41 15.21 0.47
N ALA A 147 -20.78 14.24 -0.36
CA ALA A 147 -19.90 13.13 -0.74
C ALA A 147 -19.31 13.26 -2.13
N ALA A 148 -19.60 14.36 -2.84
CA ALA A 148 -19.16 14.48 -4.24
C ALA A 148 -17.63 14.42 -4.34
N ASN A 149 -16.91 15.11 -3.45
CA ASN A 149 -15.45 15.12 -3.54
C ASN A 149 -14.89 13.75 -3.20
N PHE A 150 -15.42 13.11 -2.15
CA PHE A 150 -14.99 11.76 -1.79
C PHE A 150 -15.17 10.79 -2.97
N CYS A 151 -16.34 10.79 -3.60
CA CYS A 151 -16.57 9.88 -4.71
C CYS A 151 -15.61 10.16 -5.86
N ALA A 152 -15.38 11.44 -6.18
CA ALA A 152 -14.47 11.78 -7.27
C ALA A 152 -13.04 11.38 -6.92
N LEU A 153 -12.66 11.52 -5.65
CA LEU A 153 -11.32 11.08 -5.24
C LEU A 153 -11.18 9.57 -5.33
N ILE A 154 -12.19 8.83 -4.87
CA ILE A 154 -12.17 7.37 -5.01
C ILE A 154 -11.93 6.97 -6.46
N LEU A 155 -12.68 7.61 -7.37
CA LEU A 155 -12.49 7.31 -8.79
C LEU A 155 -11.07 7.62 -9.24
N ALA A 156 -10.52 8.77 -8.83
CA ALA A 156 -9.19 9.14 -9.27
C ALA A 156 -8.14 8.19 -8.70
N TYR A 157 -8.24 7.88 -7.41
CA TYR A 157 -7.26 6.99 -6.80
C TYR A 157 -7.34 5.58 -7.39
N CYS A 158 -8.53 5.13 -7.77
CA CYS A 158 -8.72 3.79 -8.34
C CYS A 158 -8.53 3.75 -9.86
N ASN A 159 -8.20 4.89 -10.48
CA ASN A 159 -8.05 5.01 -11.93
C ASN A 159 -9.28 4.52 -12.68
N LYS A 160 -10.44 4.95 -12.22
CA LYS A 160 -11.69 4.67 -12.88
C LYS A 160 -12.36 5.98 -13.28
N THR A 161 -13.08 5.95 -14.39
CA THR A 161 -13.80 7.12 -14.85
C THR A 161 -15.29 6.96 -14.54
N VAL A 162 -15.96 8.11 -14.44
CA VAL A 162 -17.40 8.14 -14.27
C VAL A 162 -18.04 7.32 -15.38
N GLY A 163 -18.90 6.38 -15.00
CA GLY A 163 -19.61 5.54 -15.93
C GLY A 163 -18.99 4.16 -16.13
N GLU A 164 -17.71 4.00 -15.78
CA GLU A 164 -17.04 2.72 -15.92
C GLU A 164 -17.56 1.75 -14.86
N LEU A 165 -17.80 0.51 -15.26
CA LEU A 165 -18.22 -0.50 -14.31
C LEU A 165 -17.16 -0.69 -13.24
N GLY A 166 -17.59 -1.02 -12.04
CA GLY A 166 -16.67 -1.15 -10.92
C GLY A 166 -17.09 -2.23 -9.96
N ASP A 167 -16.13 -2.59 -9.10
CA ASP A 167 -16.23 -3.74 -8.20
C ASP A 167 -16.03 -3.24 -6.79
N VAL A 168 -16.98 -3.54 -5.90
CA VAL A 168 -16.90 -3.02 -4.54
C VAL A 168 -15.66 -3.57 -3.84
N ARG A 169 -15.43 -4.89 -3.94
CA ARG A 169 -14.27 -5.46 -3.24
C ARG A 169 -12.97 -4.80 -3.70
N GLU A 170 -12.80 -4.64 -5.01
CA GLU A 170 -11.61 -3.97 -5.53
C GLU A 170 -11.47 -2.58 -4.95
N THR A 171 -12.54 -1.80 -5.00
CA THR A 171 -12.51 -0.43 -4.51
C THR A 171 -12.14 -0.37 -3.04
N MET A 172 -12.73 -1.24 -2.23
CA MET A 172 -12.41 -1.24 -0.80
C MET A 172 -10.96 -1.65 -0.58
N SER A 173 -10.47 -2.64 -1.33
CA SER A 173 -9.08 -3.05 -1.18
C SER A 173 -8.12 -1.88 -1.45
N TYR A 174 -8.37 -1.15 -2.54
CA TYR A 174 -7.47 -0.05 -2.90
C TYR A 174 -7.55 1.07 -1.86
N LEU A 175 -8.73 1.32 -1.30
CA LEU A 175 -8.84 2.30 -0.23
C LEU A 175 -8.15 1.82 1.05
N PHE A 176 -8.29 0.52 1.38
CA PHE A 176 -7.58 -0.02 2.54
C PHE A 176 -6.07 0.17 2.41
N GLN A 177 -5.54 0.14 1.18
CA GLN A 177 -4.12 0.33 0.94
C GLN A 177 -3.67 1.77 1.07
N HIS A 178 -4.62 2.70 1.25
CA HIS A 178 -4.32 4.09 1.55
C HIS A 178 -4.72 4.45 2.98
N ALA A 179 -4.91 3.45 3.84
CA ALA A 179 -5.35 3.65 5.22
C ALA A 179 -4.30 3.09 6.18
N ASN A 180 -4.36 3.56 7.41
CA ASN A 180 -3.44 3.09 8.45
C ASN A 180 -4.05 1.86 9.10
N LEU A 181 -3.57 0.68 8.69
CA LEU A 181 -4.01 -0.59 9.23
C LEU A 181 -2.84 -1.27 9.92
N ASP A 182 -1.89 -0.46 10.39
CA ASP A 182 -0.59 -0.98 10.81
C ASP A 182 -0.74 -2.01 11.92
N SER A 183 -1.71 -1.81 12.80
CA SER A 183 -1.98 -2.65 13.95
C SER A 183 -2.78 -3.90 13.62
N CYS A 184 -3.35 -4.01 12.43
CA CYS A 184 -4.16 -5.18 12.09
C CYS A 184 -3.28 -6.41 11.89
N LYS A 185 -3.76 -7.56 12.37
CA LYS A 185 -2.96 -8.78 12.36
C LYS A 185 -3.85 -10.00 12.26
N ARG A 186 -3.42 -10.96 11.43
CA ARG A 186 -4.01 -12.29 11.38
C ARG A 186 -2.89 -13.32 11.48
N VAL A 187 -2.94 -14.15 12.51
CA VAL A 187 -1.93 -15.20 12.72
C VAL A 187 -2.53 -16.54 12.33
N LEU A 188 -1.80 -17.28 11.50
CA LEU A 188 -2.20 -18.63 11.08
C LEU A 188 -1.25 -19.62 11.72
N ASN A 189 -1.80 -20.59 12.44
CA ASN A 189 -0.99 -21.66 13.02
C ASN A 189 -1.38 -22.99 12.40
N VAL A 190 -0.39 -23.73 11.94
CA VAL A 190 -0.63 -25.02 11.33
C VAL A 190 -1.04 -26.01 12.42
N VAL A 191 -2.11 -26.76 12.15
CA VAL A 191 -2.50 -27.89 13.00
C VAL A 191 -1.91 -29.13 12.36
N CYS A 192 -1.01 -29.78 13.07
CA CYS A 192 -0.31 -30.93 12.54
C CYS A 192 0.11 -31.81 13.71
N LYS A 193 0.54 -33.02 13.40
CA LYS A 193 0.96 -33.96 14.41
C LYS A 193 2.47 -33.97 14.61
N THR A 194 3.23 -33.81 13.52
CA THR A 194 4.67 -33.98 13.56
C THR A 194 5.45 -32.81 12.99
N CYS A 195 4.78 -31.73 12.57
CA CYS A 195 5.44 -30.63 11.89
C CYS A 195 5.94 -29.54 12.85
N GLY A 196 5.66 -29.68 14.14
CA GLY A 196 6.11 -28.70 15.10
C GLY A 196 5.26 -27.44 15.08
N GLN A 197 5.86 -26.35 15.54
CA GLN A 197 5.19 -25.05 15.57
C GLN A 197 5.45 -24.35 14.24
N GLN A 198 4.40 -24.15 13.44
CA GLN A 198 4.50 -23.39 12.20
C GLN A 198 3.44 -22.29 12.24
N GLN A 199 3.88 -21.03 12.08
CA GLN A 199 3.01 -19.88 12.26
C GLN A 199 3.43 -18.83 11.23
N THR A 200 2.47 -18.19 10.61
CA THR A 200 2.73 -17.02 9.78
C THR A 200 1.73 -15.92 10.14
N THR A 201 2.18 -14.68 10.04
CA THR A 201 1.42 -13.52 10.45
C THR A 201 1.20 -12.61 9.25
N LEU A 202 -0.05 -12.31 8.95
CA LEU A 202 -0.41 -11.27 8.00
C LEU A 202 -0.61 -9.96 8.77
N LYS A 203 0.12 -8.92 8.39
CA LYS A 203 0.00 -7.61 9.01
C LYS A 203 -0.53 -6.60 8.00
N GLY A 204 -1.33 -5.67 8.49
CA GLY A 204 -1.80 -4.59 7.64
C GLY A 204 -2.97 -5.00 6.78
N VAL A 205 -2.97 -4.58 5.51
CA VAL A 205 -4.15 -4.71 4.68
C VAL A 205 -4.49 -6.18 4.43
N GLU A 206 -3.48 -7.06 4.32
CA GLU A 206 -3.77 -8.46 4.10
C GLU A 206 -4.61 -9.06 5.22
N ALA A 207 -4.50 -8.51 6.43
CA ALA A 207 -5.22 -9.07 7.56
C ALA A 207 -6.72 -8.75 7.53
N VAL A 208 -7.15 -7.74 6.78
CA VAL A 208 -8.56 -7.30 6.85
C VAL A 208 -9.38 -7.81 5.68
N MET A 209 -8.84 -8.70 4.86
CA MET A 209 -9.50 -9.17 3.65
C MET A 209 -9.36 -10.69 3.57
N TYR A 210 -10.40 -11.36 3.09
CA TYR A 210 -10.32 -12.80 2.83
C TYR A 210 -11.20 -13.14 1.63
N MET A 211 -10.73 -14.04 0.77
CA MET A 211 -11.46 -14.40 -0.43
C MET A 211 -11.71 -15.90 -0.44
N GLY A 212 -12.95 -16.28 -0.74
CA GLY A 212 -13.31 -17.68 -0.90
C GLY A 212 -14.56 -18.11 -0.15
N THR A 213 -14.89 -17.40 0.93
CA THR A 213 -16.11 -17.67 1.67
C THR A 213 -16.65 -16.36 2.21
N LEU A 214 -17.95 -16.34 2.47
CA LEU A 214 -18.59 -15.18 3.07
C LEU A 214 -18.71 -15.28 4.59
N SER A 215 -18.64 -16.48 5.15
CA SER A 215 -18.97 -16.71 6.54
C SER A 215 -17.74 -16.51 7.42
N TYR A 216 -17.88 -15.64 8.42
CA TYR A 216 -16.77 -15.47 9.35
C TYR A 216 -16.62 -16.70 10.25
N GLU A 217 -17.74 -17.34 10.61
CA GLU A 217 -17.65 -18.55 11.42
C GLU A 217 -16.92 -19.66 10.68
N GLN A 218 -17.19 -19.80 9.38
CA GLN A 218 -16.48 -20.80 8.57
C GLN A 218 -15.00 -20.49 8.46
N PHE A 219 -14.66 -19.22 8.23
CA PHE A 219 -13.28 -18.77 8.16
C PHE A 219 -12.55 -19.01 9.47
N LYS A 220 -13.21 -18.72 10.59
CA LYS A 220 -12.59 -18.86 11.90
C LYS A 220 -12.24 -20.31 12.19
N LYS A 221 -12.93 -21.27 11.56
CA LYS A 221 -12.63 -22.67 11.76
C LYS A 221 -11.37 -23.13 11.04
N GLY A 222 -10.78 -22.30 10.18
CA GLY A 222 -9.63 -22.74 9.40
C GLY A 222 -10.04 -23.34 8.07
N VAL A 223 -9.07 -23.40 7.16
CA VAL A 223 -9.36 -23.92 5.82
C VAL A 223 -8.15 -24.68 5.27
N THR A 234 -2.46 -27.38 5.90
CA THR A 234 -3.79 -27.84 5.56
C THR A 234 -4.81 -27.36 6.60
N LYS A 235 -4.64 -27.70 7.86
CA LYS A 235 -5.52 -27.23 8.94
C LYS A 235 -4.85 -26.09 9.68
N TYR A 236 -5.61 -25.02 9.94
CA TYR A 236 -5.07 -23.80 10.56
C TYR A 236 -5.95 -23.32 11.70
N LEU A 237 -5.31 -22.90 12.79
CA LEU A 237 -5.95 -22.08 13.81
C LEU A 237 -5.68 -20.62 13.50
N VAL A 238 -6.74 -19.80 13.50
CA VAL A 238 -6.67 -18.40 13.08
C VAL A 238 -6.83 -17.50 14.29
N GLN A 239 -5.94 -16.51 14.41
CA GLN A 239 -6.06 -15.44 15.40
C GLN A 239 -6.25 -14.13 14.62
N GLN A 240 -7.45 -13.56 14.69
CA GLN A 240 -7.82 -12.39 13.91
C GLN A 240 -7.91 -11.17 14.82
N GLU A 241 -7.17 -10.11 14.46
CA GLU A 241 -7.07 -8.90 15.29
C GLU A 241 -7.13 -7.70 14.36
N SER A 242 -8.33 -7.15 14.17
CA SER A 242 -8.52 -5.98 13.33
C SER A 242 -9.87 -5.35 13.68
N PRO A 243 -10.08 -4.07 13.34
CA PRO A 243 -11.40 -3.45 13.59
C PRO A 243 -12.50 -4.02 12.74
N PHE A 244 -12.18 -4.61 11.60
CA PHE A 244 -13.18 -5.15 10.69
C PHE A 244 -12.52 -6.20 9.81
N VAL A 245 -13.34 -6.98 9.12
CA VAL A 245 -12.86 -7.91 8.10
C VAL A 245 -13.85 -7.92 6.94
N MET A 246 -13.32 -7.93 5.73
CA MET A 246 -14.11 -8.05 4.51
C MET A 246 -13.93 -9.47 3.96
N MET A 247 -15.04 -10.18 3.79
CA MET A 247 -15.04 -11.52 3.21
C MET A 247 -15.74 -11.45 1.86
N SER A 248 -15.15 -12.09 0.85
CA SER A 248 -15.74 -12.07 -0.49
C SER A 248 -15.72 -13.46 -1.12
N ALA A 249 -16.70 -13.70 -1.98
CA ALA A 249 -16.84 -14.96 -2.71
C ALA A 249 -17.66 -14.68 -3.97
N PRO A 250 -17.64 -15.60 -4.93
CA PRO A 250 -18.50 -15.44 -6.11
C PRO A 250 -19.94 -15.24 -5.69
N PRO A 251 -20.68 -14.34 -6.35
CA PRO A 251 -22.10 -14.19 -6.04
C PRO A 251 -22.81 -15.54 -6.06
N ALA A 252 -23.47 -15.85 -4.96
CA ALA A 252 -24.25 -17.07 -4.83
C ALA A 252 -25.40 -16.76 -3.88
N GLN A 253 -26.52 -17.47 -4.06
CA GLN A 253 -27.63 -17.30 -3.14
C GLN A 253 -27.15 -17.54 -1.70
N TYR A 254 -27.46 -16.59 -0.82
CA TYR A 254 -26.89 -16.62 0.52
C TYR A 254 -27.89 -15.96 1.47
N GLU A 255 -28.11 -16.59 2.61
CA GLU A 255 -29.02 -16.07 3.60
C GLU A 255 -28.22 -15.21 4.57
N LEU A 256 -28.59 -13.93 4.67
CA LEU A 256 -28.02 -13.03 5.65
C LEU A 256 -28.93 -13.04 6.87
N LYS A 257 -28.42 -13.51 8.00
CA LYS A 257 -29.21 -13.60 9.21
C LYS A 257 -28.97 -12.33 10.02
N HIS A 258 -30.06 -11.64 10.35
CA HIS A 258 -29.94 -10.44 11.14
C HIS A 258 -29.03 -10.65 12.34
N GLY A 259 -28.15 -9.68 12.59
CA GLY A 259 -27.32 -9.68 13.77
C GLY A 259 -26.03 -10.46 13.65
N THR A 260 -25.79 -11.17 12.54
CA THR A 260 -24.60 -12.00 12.39
C THR A 260 -23.53 -11.34 11.53
N PHE A 261 -23.75 -10.11 11.09
CA PHE A 261 -22.81 -9.40 10.22
C PHE A 261 -23.10 -7.92 10.37
N THR A 262 -22.22 -7.09 9.81
CA THR A 262 -22.43 -5.65 9.84
C THR A 262 -23.11 -5.13 8.58
N CYS A 263 -22.57 -5.42 7.41
CA CYS A 263 -23.20 -5.02 6.16
C CYS A 263 -22.67 -5.93 5.06
N ALA A 264 -23.32 -5.87 3.89
CA ALA A 264 -23.00 -6.81 2.85
C ALA A 264 -23.34 -6.22 1.49
N SER A 265 -22.65 -6.75 0.48
CA SER A 265 -22.83 -6.36 -0.92
C SER A 265 -23.56 -7.48 -1.66
N GLU A 266 -24.70 -7.14 -2.26
CA GLU A 266 -25.38 -8.03 -3.19
C GLU A 266 -25.04 -7.61 -4.62
N TYR A 267 -24.83 -8.59 -5.49
CA TYR A 267 -24.54 -8.30 -6.89
C TYR A 267 -25.36 -9.22 -7.78
N THR A 268 -26.19 -8.61 -8.63
CA THR A 268 -26.99 -9.32 -9.61
C THR A 268 -26.44 -9.05 -11.00
N GLY A 269 -26.39 -10.09 -11.84
CA GLY A 269 -25.82 -9.95 -13.17
C GLY A 269 -26.73 -10.29 -14.33
N ASN A 270 -28.00 -9.90 -14.28
CA ASN A 270 -28.97 -10.34 -15.29
C ASN A 270 -28.61 -9.72 -16.64
N TYR A 271 -28.51 -10.58 -17.66
CA TYR A 271 -28.18 -10.17 -19.03
C TYR A 271 -26.83 -9.47 -19.10
N GLN A 272 -25.90 -9.88 -18.22
CA GLN A 272 -24.53 -9.38 -18.17
C GLN A 272 -24.47 -7.88 -17.92
N CYS A 273 -25.54 -7.32 -17.35
CA CYS A 273 -25.63 -5.93 -16.91
C CYS A 273 -25.81 -5.97 -15.39
N GLY A 274 -24.73 -5.72 -14.64
CA GLY A 274 -24.75 -5.97 -13.21
C GLY A 274 -25.19 -4.77 -12.36
N HIS A 275 -25.66 -5.09 -11.15
CA HIS A 275 -26.14 -4.05 -10.24
C HIS A 275 -25.89 -4.44 -8.80
N TYR A 276 -25.31 -3.53 -8.03
CA TYR A 276 -25.10 -3.76 -6.60
C TYR A 276 -26.25 -3.22 -5.76
N LYS A 277 -26.51 -3.90 -4.65
CA LYS A 277 -27.26 -3.33 -3.54
C LYS A 277 -26.50 -3.56 -2.24
N HIS A 278 -26.87 -2.79 -1.23
CA HIS A 278 -26.21 -2.82 0.08
C HIS A 278 -27.22 -3.28 1.12
N ILE A 279 -26.84 -4.25 1.93
CA ILE A 279 -27.67 -4.71 3.04
C ILE A 279 -26.93 -4.41 4.33
N THR A 280 -27.63 -3.80 5.28
CA THR A 280 -27.04 -3.47 6.57
C THR A 280 -27.91 -4.04 7.66
N SER A 281 -27.26 -4.50 8.73
CA SER A 281 -27.94 -5.15 9.86
C SER A 281 -28.01 -4.14 11.00
N LYS A 282 -29.21 -3.61 11.23
CA LYS A 282 -29.44 -2.72 12.36
C LYS A 282 -30.34 -3.44 13.36
N GLU A 283 -31.48 -2.83 13.74
CA GLU A 283 -32.46 -3.56 14.53
C GLU A 283 -33.20 -4.59 13.68
N THR A 284 -33.11 -4.47 12.36
CA THR A 284 -33.64 -5.42 11.40
C THR A 284 -32.80 -5.21 10.14
N LEU A 285 -33.13 -5.94 9.07
CA LEU A 285 -32.33 -5.86 7.85
C LEU A 285 -32.84 -4.75 6.93
N TYR A 286 -31.92 -3.90 6.48
CA TYR A 286 -32.23 -2.83 5.54
C TYR A 286 -31.43 -3.01 4.25
N CYS A 287 -32.14 -2.97 3.13
CA CYS A 287 -31.51 -3.03 1.80
C CYS A 287 -31.53 -1.61 1.20
N ILE A 288 -30.36 -0.99 1.09
CA ILE A 288 -30.21 0.33 0.52
C ILE A 288 -29.75 0.17 -0.91
N ASP A 289 -30.57 0.67 -1.84
CA ASP A 289 -30.36 0.53 -3.28
C ASP A 289 -30.34 1.95 -3.84
N GLY A 290 -29.20 2.61 -3.69
CA GLY A 290 -29.11 4.03 -4.02
C GLY A 290 -30.02 4.88 -3.15
N ALA A 291 -31.01 5.49 -3.77
CA ALA A 291 -31.99 6.27 -3.03
C ALA A 291 -33.10 5.42 -2.41
N LEU A 292 -33.20 4.15 -2.78
CA LEU A 292 -34.30 3.32 -2.31
C LEU A 292 -33.95 2.58 -1.02
N LEU A 293 -34.97 2.37 -0.19
CA LEU A 293 -34.79 1.71 1.09
C LEU A 293 -35.89 0.68 1.27
N THR A 294 -35.50 -0.55 1.62
CA THR A 294 -36.44 -1.63 1.88
C THR A 294 -36.02 -2.36 3.13
N LYS A 295 -36.98 -2.60 4.02
CA LYS A 295 -36.77 -3.27 5.28
C LYS A 295 -37.35 -4.70 5.24
N SER A 296 -36.63 -5.64 5.87
CA SER A 296 -37.10 -7.01 5.92
C SER A 296 -36.52 -7.70 7.15
N SER A 297 -37.19 -8.77 7.57
CA SER A 297 -36.70 -9.57 8.68
C SER A 297 -35.64 -10.57 8.24
N GLU A 298 -35.76 -11.08 7.02
CA GLU A 298 -34.82 -12.04 6.45
C GLU A 298 -34.39 -11.50 5.11
N TYR A 299 -33.25 -11.99 4.62
CA TYR A 299 -32.76 -11.58 3.31
C TYR A 299 -32.02 -12.75 2.69
N LYS A 300 -32.42 -13.13 1.48
CA LYS A 300 -31.71 -14.12 0.67
C LYS A 300 -31.47 -13.49 -0.69
N GLY A 301 -30.22 -13.56 -1.15
CA GLY A 301 -29.86 -12.98 -2.43
C GLY A 301 -28.45 -13.33 -2.81
N PRO A 302 -28.04 -12.90 -4.01
CA PRO A 302 -26.68 -13.20 -4.47
C PRO A 302 -25.65 -12.28 -3.84
N ILE A 303 -25.13 -12.68 -2.68
CA ILE A 303 -24.20 -11.90 -1.90
C ILE A 303 -22.78 -12.21 -2.35
N THR A 304 -21.94 -11.18 -2.40
CA THR A 304 -20.56 -11.35 -2.84
C THR A 304 -19.55 -10.76 -1.85
N ASP A 305 -19.92 -9.79 -1.02
CA ASP A 305 -19.08 -9.33 0.08
C ASP A 305 -19.89 -9.30 1.38
N VAL A 306 -19.25 -9.69 2.48
CA VAL A 306 -19.83 -9.49 3.81
C VAL A 306 -18.76 -8.86 4.68
N PHE A 307 -19.14 -7.82 5.43
CA PHE A 307 -18.24 -7.10 6.31
C PHE A 307 -18.61 -7.37 7.75
N TYR A 308 -17.60 -7.62 8.57
CA TYR A 308 -17.78 -7.87 10.00
C TYR A 308 -16.93 -6.89 10.79
N LYS A 309 -17.46 -6.46 11.93
CA LYS A 309 -16.88 -5.40 12.75
C LYS A 309 -16.65 -5.94 14.15
N GLU A 310 -15.54 -5.50 14.76
CA GLU A 310 -15.17 -5.81 16.13
C GLU A 310 -15.32 -4.50 16.88
N ASN A 311 -16.35 -4.42 17.72
CA ASN A 311 -16.76 -3.13 18.28
C ASN A 311 -15.76 -2.58 19.29
N SER A 312 -15.06 -3.45 20.02
CA SER A 312 -14.08 -3.06 21.02
C SER A 312 -14.31 -1.68 21.64
N VAL B 5 35.72 32.31 19.72
CA VAL B 5 34.90 31.11 19.63
C VAL B 5 35.30 30.26 18.43
N ARG B 6 35.75 29.04 18.70
CA ARG B 6 36.18 28.11 17.68
C ARG B 6 34.99 27.35 17.11
N THR B 7 35.00 27.17 15.79
CA THR B 7 33.88 26.56 15.09
C THR B 7 34.40 25.70 13.94
N ILE B 8 33.49 24.88 13.42
CA ILE B 8 33.73 24.07 12.22
C ILE B 8 32.49 24.15 11.34
N LYS B 9 32.68 23.89 10.06
CA LYS B 9 31.57 23.80 9.11
C LYS B 9 31.22 22.32 8.92
N VAL B 10 29.93 21.99 9.07
CA VAL B 10 29.41 20.65 8.80
C VAL B 10 28.17 20.83 7.92
N PHE B 11 27.70 19.72 7.37
CA PHE B 11 26.42 19.67 6.68
C PHE B 11 25.43 18.87 7.51
N THR B 12 24.20 19.39 7.63
CA THR B 12 23.09 18.62 8.19
C THR B 12 22.13 18.23 7.06
N THR B 13 21.36 17.17 7.31
CA THR B 13 20.50 16.62 6.27
C THR B 13 19.49 15.70 6.93
N VAL B 14 18.35 15.52 6.25
CA VAL B 14 17.45 14.42 6.57
C VAL B 14 17.44 13.35 5.49
N ASP B 15 17.94 13.66 4.28
CA ASP B 15 17.83 12.74 3.16
C ASP B 15 19.17 12.40 2.51
N ASN B 16 20.25 13.09 2.87
CA ASN B 16 21.57 12.90 2.26
C ASN B 16 21.55 13.24 0.77
N ILE B 17 20.52 14.00 0.36
CA ILE B 17 20.41 14.57 -0.98
C ILE B 17 20.52 16.09 -0.92
N ASN B 18 19.82 16.69 0.03
CA ASN B 18 19.83 18.12 0.25
C ASN B 18 20.69 18.38 1.48
N LEU B 19 21.84 19.01 1.28
CA LEU B 19 22.79 19.27 2.34
C LEU B 19 22.71 20.73 2.75
N HIS B 20 22.67 20.98 4.05
CA HIS B 20 22.51 22.32 4.61
C HIS B 20 23.76 22.65 5.43
N THR B 21 24.52 23.64 4.98
CA THR B 21 25.75 24.02 5.67
C THR B 21 25.42 24.65 7.02
N GLN B 22 26.17 24.26 8.05
CA GLN B 22 26.01 24.82 9.38
C GLN B 22 27.37 25.14 9.97
N VAL B 23 27.43 26.20 10.77
CA VAL B 23 28.60 26.54 11.57
C VAL B 23 28.33 26.04 12.98
N VAL B 24 29.21 25.18 13.49
CA VAL B 24 29.00 24.50 14.76
C VAL B 24 29.93 25.09 15.81
N ASP B 25 29.38 25.47 16.95
CA ASP B 25 30.15 25.93 18.11
C ASP B 25 30.77 24.72 18.78
N MET B 26 32.11 24.66 18.78
CA MET B 26 32.77 23.47 19.30
C MET B 26 32.66 23.33 20.81
N SER B 27 32.11 24.32 21.51
CA SER B 27 31.93 24.25 22.96
C SER B 27 30.59 23.68 23.38
N MET B 28 29.71 23.38 22.42
CA MET B 28 28.39 22.83 22.71
C MET B 28 28.23 21.49 22.02
N THR B 29 27.36 20.65 22.60
CA THR B 29 27.10 19.36 21.99
C THR B 29 26.26 19.55 20.72
N TYR B 30 26.37 18.58 19.81
CA TYR B 30 25.50 18.62 18.64
C TYR B 30 24.04 18.72 19.04
N GLY B 31 23.66 18.05 20.14
CA GLY B 31 22.28 18.09 20.57
C GLY B 31 21.81 19.48 20.96
N GLN B 32 22.70 20.26 21.58
CA GLN B 32 22.32 21.62 22.00
C GLN B 32 22.05 22.52 20.80
N GLN B 33 22.66 22.22 19.65
CA GLN B 33 22.59 23.09 18.49
C GLN B 33 21.62 22.59 17.43
N PHE B 34 21.47 21.28 17.30
CA PHE B 34 20.63 20.70 16.26
C PHE B 34 19.50 19.82 16.78
N GLY B 35 19.54 19.43 18.05
CA GLY B 35 18.71 18.35 18.52
C GLY B 35 19.36 17.02 18.22
N PRO B 36 18.57 15.94 18.23
CA PRO B 36 19.15 14.61 17.96
C PRO B 36 19.93 14.56 16.64
N THR B 37 21.21 14.20 16.72
CA THR B 37 22.14 14.28 15.60
C THR B 37 22.82 12.93 15.45
N TYR B 38 23.08 12.52 14.20
CA TYR B 38 23.69 11.23 13.91
C TYR B 38 24.80 11.38 12.88
N LEU B 39 25.88 10.62 13.07
CA LEU B 39 26.97 10.52 12.11
C LEU B 39 27.07 9.07 11.66
N ASP B 40 26.70 8.81 10.41
CA ASP B 40 26.71 7.46 9.86
C ASP B 40 26.01 6.48 10.79
N GLY B 41 24.84 6.89 11.27
CA GLY B 41 24.04 6.06 12.15
C GLY B 41 24.35 6.21 13.63
N ALA B 42 25.54 6.70 13.96
CA ALA B 42 25.94 6.84 15.36
C ALA B 42 25.27 8.07 15.98
N ASP B 43 24.70 7.89 17.17
CA ASP B 43 24.05 8.98 17.88
C ASP B 43 25.12 9.87 18.51
N VAL B 44 25.27 11.09 18.00
CA VAL B 44 26.24 12.03 18.53
C VAL B 44 25.55 13.21 19.24
N THR B 45 24.29 13.03 19.65
CA THR B 45 23.57 14.11 20.32
C THR B 45 24.37 14.67 21.49
N LYS B 46 25.00 13.79 22.26
CA LYS B 46 25.70 14.20 23.48
C LYS B 46 27.20 14.47 23.26
N ILE B 47 27.68 14.40 22.02
CA ILE B 47 29.10 14.58 21.73
C ILE B 47 29.34 16.02 21.30
N LYS B 48 30.47 16.59 21.75
CA LYS B 48 30.87 17.88 21.22
C LYS B 48 31.64 17.71 19.92
N PRO B 49 31.59 18.71 19.04
CA PRO B 49 32.27 18.59 17.75
C PRO B 49 33.76 18.27 17.92
N HIS B 50 34.27 17.44 17.02
CA HIS B 50 35.69 17.18 16.88
C HIS B 50 36.21 17.90 15.64
N ASN B 51 37.51 18.21 15.63
CA ASN B 51 38.11 18.78 14.44
C ASN B 51 37.96 17.86 13.23
N SER B 52 37.96 16.54 13.45
CA SER B 52 37.81 15.59 12.35
C SER B 52 36.42 15.66 11.73
N HIS B 53 35.44 16.25 12.43
CA HIS B 53 34.08 16.33 11.91
C HIS B 53 33.91 17.41 10.83
N GLU B 54 34.94 18.22 10.58
CA GLU B 54 34.83 19.29 9.61
C GLU B 54 34.43 18.74 8.24
N GLY B 55 33.41 19.36 7.64
CA GLY B 55 32.97 19.01 6.31
C GLY B 55 32.18 17.72 6.19
N LYS B 56 31.89 17.04 7.29
CA LYS B 56 31.13 15.81 7.24
C LYS B 56 29.62 16.08 7.29
N THR B 57 28.84 15.07 6.94
CA THR B 57 27.38 15.15 6.88
C THR B 57 26.76 14.45 8.08
N PHE B 58 25.88 15.17 8.78
CA PHE B 58 25.14 14.65 9.92
C PHE B 58 23.65 14.62 9.61
N TYR B 59 22.99 13.54 10.02
CA TYR B 59 21.54 13.48 9.98
C TYR B 59 20.96 14.15 11.23
N VAL B 60 19.86 14.89 11.04
CA VAL B 60 19.13 15.50 12.14
C VAL B 60 17.66 15.11 11.98
N LEU B 61 16.90 15.39 13.01
CA LEU B 61 15.47 15.12 12.91
C LEU B 61 14.77 16.29 12.19
N PRO B 62 13.73 15.98 11.40
CA PRO B 62 13.02 17.06 10.69
C PRO B 62 12.23 17.92 11.66
N ASN B 63 12.82 19.02 12.13
CA ASN B 63 12.19 19.86 13.14
C ASN B 63 11.69 21.20 12.61
N ASP B 64 11.72 21.41 11.30
CA ASP B 64 11.15 22.61 10.69
C ASP B 64 10.50 22.23 9.37
N ASP B 65 9.68 23.15 8.82
CA ASP B 65 8.94 22.82 7.61
C ASP B 65 9.86 22.32 6.49
N THR B 66 11.01 22.97 6.32
CA THR B 66 11.90 22.65 5.22
C THR B 66 12.38 21.21 5.33
N LEU B 67 12.85 20.81 6.52
CA LEU B 67 13.33 19.45 6.69
C LEU B 67 12.17 18.44 6.68
N ARG B 68 11.00 18.83 7.19
CA ARG B 68 9.86 17.92 7.15
C ARG B 68 9.48 17.60 5.71
N VAL B 69 9.45 18.62 4.85
CA VAL B 69 9.13 18.41 3.44
C VAL B 69 10.17 17.51 2.79
N GLU B 70 11.46 17.82 2.99
CA GLU B 70 12.50 17.01 2.38
C GLU B 70 12.40 15.56 2.82
N ALA B 71 12.14 15.32 4.11
CA ALA B 71 12.02 13.96 4.59
C ALA B 71 10.79 13.26 4.02
N PHE B 72 9.64 13.93 4.01
CA PHE B 72 8.45 13.30 3.47
C PHE B 72 8.63 12.96 1.99
N GLU B 73 9.23 13.86 1.23
CA GLU B 73 9.42 13.58 -0.19
C GLU B 73 10.42 12.44 -0.42
N TYR B 74 11.36 12.22 0.50
CA TYR B 74 12.37 11.19 0.28
C TYR B 74 11.90 9.83 0.81
N TYR B 75 11.28 9.80 2.00
CA TYR B 75 10.92 8.54 2.64
C TYR B 75 9.46 8.15 2.46
N HIS B 76 8.60 9.09 2.09
CA HIS B 76 7.16 8.86 1.94
C HIS B 76 6.50 8.35 3.22
N THR B 77 6.97 8.83 4.36
CA THR B 77 6.31 8.56 5.62
C THR B 77 6.35 9.80 6.50
N THR B 78 5.33 9.93 7.34
CA THR B 78 5.25 11.01 8.31
C THR B 78 5.58 10.56 9.73
N ASP B 79 5.86 9.27 9.92
CA ASP B 79 6.18 8.71 11.23
C ASP B 79 7.38 9.44 11.80
N PRO B 80 7.20 10.23 12.87
CA PRO B 80 8.35 10.97 13.41
C PRO B 80 9.46 10.09 13.93
N SER B 81 9.18 8.82 14.25
CA SER B 81 10.20 7.93 14.79
C SER B 81 11.03 7.27 13.69
N PHE B 82 10.70 7.51 12.42
CA PHE B 82 11.32 6.74 11.34
C PHE B 82 12.82 7.02 11.26
N LEU B 83 13.22 8.30 11.19
CA LEU B 83 14.63 8.60 11.01
C LEU B 83 15.46 8.01 12.13
N GLY B 84 14.99 8.15 13.37
CA GLY B 84 15.71 7.59 14.50
C GLY B 84 15.86 6.08 14.40
N ARG B 85 14.81 5.38 13.96
CA ARG B 85 14.89 3.93 13.85
C ARG B 85 15.80 3.52 12.69
N TYR B 86 15.78 4.28 11.61
CA TYR B 86 16.67 4.04 10.48
C TYR B 86 18.13 4.21 10.89
N MET B 87 18.44 5.28 11.62
CA MET B 87 19.82 5.49 12.07
C MET B 87 20.28 4.41 13.03
N SER B 88 19.42 4.00 13.97
CA SER B 88 19.80 2.93 14.88
C SER B 88 20.15 1.65 14.14
N ALA B 89 19.36 1.32 13.12
CA ALA B 89 19.63 0.13 12.33
C ALA B 89 20.92 0.29 11.54
N LEU B 90 21.11 1.47 10.94
CA LEU B 90 22.29 1.69 10.09
C LEU B 90 23.58 1.59 10.88
N ASN B 91 23.58 2.02 12.14
CA ASN B 91 24.77 1.93 12.95
C ASN B 91 25.22 0.48 13.06
N HIS B 92 24.30 -0.47 12.93
CA HIS B 92 24.63 -1.89 12.90
C HIS B 92 24.90 -2.41 11.49
N THR B 93 24.01 -2.11 10.53
CA THR B 93 24.13 -2.73 9.22
C THR B 93 25.37 -2.24 8.48
N LYS B 94 25.88 -1.05 8.82
CA LYS B 94 27.13 -0.58 8.23
C LYS B 94 28.31 -1.45 8.61
N LYS B 95 28.21 -2.16 9.74
CA LYS B 95 29.28 -3.04 10.21
C LYS B 95 29.15 -4.46 9.67
N TRP B 96 28.03 -4.81 9.03
CA TRP B 96 27.91 -6.12 8.40
C TRP B 96 28.80 -6.18 7.16
N LYS B 97 29.06 -7.39 6.70
CA LYS B 97 29.83 -7.64 5.48
C LYS B 97 28.88 -8.08 4.37
N TYR B 98 29.15 -7.63 3.15
CA TYR B 98 28.25 -7.83 2.02
C TYR B 98 29.01 -8.44 0.86
N PRO B 99 29.31 -9.74 0.93
CA PRO B 99 30.08 -10.39 -0.13
C PRO B 99 29.25 -10.59 -1.39
N GLN B 100 29.94 -10.50 -2.53
CA GLN B 100 29.35 -10.91 -3.79
C GLN B 100 29.37 -12.43 -3.89
N VAL B 101 28.21 -13.03 -4.09
CA VAL B 101 28.07 -14.47 -4.23
C VAL B 101 27.37 -14.66 -5.57
N ASN B 102 28.13 -15.15 -6.56
CA ASN B 102 27.56 -15.51 -7.85
C ASN B 102 26.81 -14.32 -8.47
N GLY B 103 27.48 -13.16 -8.43
CA GLY B 103 26.97 -11.95 -9.03
C GLY B 103 25.93 -11.21 -8.21
N LEU B 104 25.63 -11.70 -7.02
CA LEU B 104 24.57 -11.14 -6.18
C LEU B 104 25.17 -10.68 -4.87
N THR B 105 24.68 -9.54 -4.38
CA THR B 105 25.06 -9.05 -3.07
C THR B 105 24.33 -9.85 -1.99
N SER B 106 25.10 -10.47 -1.10
CA SER B 106 24.57 -11.21 0.05
C SER B 106 24.97 -10.49 1.33
N ILE B 107 24.71 -11.13 2.47
CA ILE B 107 25.14 -10.63 3.77
C ILE B 107 25.75 -11.76 4.57
N LYS B 108 26.98 -11.55 5.06
CA LYS B 108 27.54 -12.50 6.02
C LYS B 108 26.70 -12.52 7.28
N TRP B 109 26.50 -13.73 7.84
CA TRP B 109 25.56 -13.88 8.93
C TRP B 109 26.00 -13.06 10.14
N ALA B 110 25.05 -12.34 10.73
CA ALA B 110 25.19 -11.57 11.95
C ALA B 110 23.80 -11.16 12.39
N ASP B 111 23.62 -11.07 13.71
CA ASP B 111 22.42 -10.43 14.26
C ASP B 111 21.13 -11.03 13.71
N ASN B 112 21.10 -12.36 13.58
CA ASN B 112 19.90 -13.07 13.12
C ASN B 112 19.38 -12.53 11.79
N ASN B 113 20.29 -12.23 10.87
CA ASN B 113 19.90 -11.53 9.65
C ASN B 113 19.70 -12.43 8.45
N SER B 114 19.53 -13.74 8.65
CA SER B 114 19.34 -14.63 7.51
C SER B 114 18.12 -14.25 6.69
N TYR B 115 17.03 -13.79 7.32
CA TYR B 115 15.85 -13.43 6.54
C TYR B 115 16.11 -12.19 5.69
N LEU B 116 16.91 -11.25 6.20
CA LEU B 116 17.26 -10.08 5.41
C LEU B 116 18.19 -10.42 4.25
N ALA B 117 19.16 -11.30 4.48
CA ALA B 117 20.00 -11.74 3.37
C ALA B 117 19.17 -12.43 2.31
N THR B 118 18.23 -13.27 2.72
CA THR B 118 17.41 -14.00 1.74
C THR B 118 16.50 -13.03 0.98
N ALA B 119 15.94 -12.03 1.68
CA ALA B 119 15.14 -11.02 1.00
C ALA B 119 15.99 -10.19 0.04
N LEU B 120 17.16 -9.74 0.50
CA LEU B 120 18.05 -8.96 -0.36
C LEU B 120 18.41 -9.70 -1.64
N LEU B 121 18.75 -10.97 -1.52
CA LEU B 121 19.05 -11.78 -2.71
C LEU B 121 17.85 -11.85 -3.64
N THR B 122 16.66 -12.09 -3.08
CA THR B 122 15.46 -12.16 -3.90
C THR B 122 15.19 -10.84 -4.61
N LEU B 123 15.34 -9.73 -3.90
CA LEU B 123 15.03 -8.42 -4.47
C LEU B 123 15.90 -8.13 -5.68
N GLN B 124 17.10 -8.71 -5.74
CA GLN B 124 17.98 -8.48 -6.89
C GLN B 124 17.61 -9.30 -8.11
N GLN B 125 16.66 -10.23 -8.00
CA GLN B 125 16.28 -11.08 -9.12
C GLN B 125 14.90 -10.78 -9.66
N ILE B 126 14.14 -9.89 -9.04
CA ILE B 126 12.84 -9.46 -9.54
C ILE B 126 12.88 -7.96 -9.77
N GLU B 127 12.17 -7.52 -10.79
CA GLU B 127 12.18 -6.12 -11.20
C GLU B 127 11.10 -5.38 -10.42
N LEU B 128 11.54 -4.42 -9.59
CA LEU B 128 10.65 -3.68 -8.69
C LEU B 128 10.97 -2.19 -8.78
N LYS B 129 9.93 -1.37 -8.88
CA LYS B 129 10.07 0.09 -8.93
C LYS B 129 9.50 0.64 -7.63
N PHE B 130 10.38 1.02 -6.71
CA PHE B 130 9.94 1.53 -5.42
C PHE B 130 9.41 2.96 -5.54
N ASN B 131 8.40 3.26 -4.74
CA ASN B 131 7.82 4.60 -4.78
C ASN B 131 8.66 5.60 -3.99
N PRO B 132 9.07 5.29 -2.76
CA PRO B 132 9.92 6.24 -2.01
C PRO B 132 11.30 6.33 -2.66
N PRO B 133 11.75 7.53 -3.03
CA PRO B 133 13.12 7.65 -3.56
C PRO B 133 14.18 7.04 -2.66
N ALA B 134 13.97 7.06 -1.34
CA ALA B 134 14.95 6.49 -0.44
C ALA B 134 15.17 5.01 -0.73
N LEU B 135 14.10 4.27 -1.03
CA LEU B 135 14.26 2.85 -1.34
C LEU B 135 14.82 2.62 -2.73
N GLN B 136 14.39 3.40 -3.73
CA GLN B 136 14.94 3.24 -5.08
C GLN B 136 16.44 3.51 -5.09
N ASP B 137 16.87 4.58 -4.42
CA ASP B 137 18.29 4.91 -4.37
C ASP B 137 19.07 3.81 -3.69
N ALA B 138 18.61 3.38 -2.51
CA ALA B 138 19.36 2.41 -1.72
C ALA B 138 19.36 1.04 -2.38
N TYR B 139 18.33 0.73 -3.18
CA TYR B 139 18.24 -0.53 -3.90
C TYR B 139 19.31 -0.60 -4.99
N TYR B 140 19.49 0.49 -5.74
CA TYR B 140 20.54 0.51 -6.75
C TYR B 140 21.92 0.47 -6.13
N ARG B 141 22.11 1.12 -4.98
CA ARG B 141 23.37 0.98 -4.27
C ARG B 141 23.58 -0.46 -3.80
N ALA B 142 22.51 -1.11 -3.31
CA ALA B 142 22.61 -2.49 -2.87
C ALA B 142 22.97 -3.42 -4.02
N ARG B 143 22.31 -3.26 -5.17
CA ARG B 143 22.65 -4.05 -6.35
C ARG B 143 24.12 -3.89 -6.73
N ALA B 144 24.69 -2.71 -6.51
CA ALA B 144 26.09 -2.46 -6.84
C ALA B 144 27.06 -2.92 -5.75
N GLY B 145 26.57 -3.45 -4.63
CA GLY B 145 27.43 -4.01 -3.61
C GLY B 145 27.39 -3.34 -2.26
N GLU B 146 26.81 -2.14 -2.13
CA GLU B 146 26.81 -1.39 -0.87
C GLU B 146 25.37 -1.39 -0.34
N ALA B 147 25.03 -2.42 0.43
CA ALA B 147 23.65 -2.71 0.80
C ALA B 147 23.30 -2.27 2.23
N ALA B 148 24.24 -1.66 2.95
CA ALA B 148 23.98 -1.35 4.37
C ALA B 148 22.78 -0.43 4.54
N ASN B 149 22.66 0.59 3.69
CA ASN B 149 21.55 1.53 3.85
C ASN B 149 20.22 0.87 3.50
N PHE B 150 20.19 0.12 2.39
CA PHE B 150 18.99 -0.63 2.01
C PHE B 150 18.50 -1.53 3.14
N CYS B 151 19.41 -2.28 3.74
CA CYS B 151 19.02 -3.15 4.84
C CYS B 151 18.46 -2.36 6.02
N ALA B 152 19.09 -1.22 6.34
CA ALA B 152 18.61 -0.41 7.47
C ALA B 152 17.23 0.19 7.16
N LEU B 153 17.00 0.60 5.92
CA LEU B 153 15.70 1.14 5.55
C LEU B 153 14.64 0.05 5.59
N ILE B 154 14.94 -1.15 5.07
CA ILE B 154 13.99 -2.26 5.18
C ILE B 154 13.59 -2.46 6.63
N LEU B 155 14.57 -2.52 7.52
CA LEU B 155 14.26 -2.66 8.94
C LEU B 155 13.39 -1.52 9.44
N ALA B 156 13.69 -0.29 9.01
CA ALA B 156 12.91 0.85 9.48
C ALA B 156 11.48 0.79 8.95
N TYR B 157 11.32 0.53 7.66
CA TYR B 157 9.98 0.48 7.07
C TYR B 157 9.14 -0.67 7.63
N CYS B 158 9.77 -1.79 7.96
CA CYS B 158 9.06 -2.96 8.50
C CYS B 158 8.90 -2.91 10.01
N ASN B 159 9.38 -1.83 10.64
CA ASN B 159 9.34 -1.66 12.09
C ASN B 159 9.97 -2.85 12.81
N LYS B 160 11.14 -3.24 12.34
CA LYS B 160 11.93 -4.29 12.96
C LYS B 160 13.27 -3.72 13.36
N THR B 161 13.81 -4.24 14.45
CA THR B 161 15.12 -3.84 14.91
C THR B 161 16.16 -4.91 14.59
N VAL B 162 17.41 -4.48 14.50
CA VAL B 162 18.53 -5.38 14.33
C VAL B 162 18.50 -6.45 15.42
N GLY B 163 18.58 -7.71 15.01
CA GLY B 163 18.58 -8.84 15.92
C GLY B 163 17.24 -9.50 16.08
N GLU B 164 16.16 -8.80 15.74
CA GLU B 164 14.81 -9.35 15.83
C GLU B 164 14.59 -10.37 14.73
N LEU B 165 13.99 -11.51 15.10
CA LEU B 165 13.65 -12.52 14.10
C LEU B 165 12.65 -11.95 13.11
N GLY B 166 12.75 -12.42 11.86
CA GLY B 166 11.93 -11.89 10.78
C GLY B 166 11.56 -12.93 9.75
N ASP B 167 10.60 -12.56 8.90
CA ASP B 167 9.94 -13.45 7.96
C ASP B 167 10.10 -12.88 6.56
N VAL B 168 10.63 -13.70 5.65
CA VAL B 168 10.90 -13.21 4.29
C VAL B 168 9.62 -12.81 3.60
N ARG B 169 8.59 -13.67 3.65
CA ARG B 169 7.33 -13.35 2.97
C ARG B 169 6.75 -12.03 3.49
N GLU B 170 6.73 -11.85 4.81
CA GLU B 170 6.24 -10.61 5.38
C GLU B 170 7.04 -9.42 4.86
N THR B 171 8.36 -9.53 4.90
CA THR B 171 9.21 -8.43 4.47
C THR B 171 8.96 -8.09 3.01
N MET B 172 8.88 -9.11 2.15
CA MET B 172 8.63 -8.85 0.74
C MET B 172 7.27 -8.22 0.54
N SER B 173 6.25 -8.68 1.28
CA SER B 173 4.92 -8.11 1.15
C SER B 173 4.92 -6.62 1.48
N TYR B 174 5.58 -6.24 2.57
CA TYR B 174 5.58 -4.84 2.98
C TYR B 174 6.36 -3.98 1.99
N LEU B 175 7.43 -4.51 1.42
CA LEU B 175 8.15 -3.79 0.38
C LEU B 175 7.31 -3.69 -0.89
N PHE B 176 6.60 -4.75 -1.26
CA PHE B 176 5.71 -4.66 -2.41
C PHE B 176 4.67 -3.56 -2.24
N GLN B 177 4.24 -3.30 -1.00
CA GLN B 177 3.26 -2.26 -0.75
C GLN B 177 3.84 -0.86 -0.84
N HIS B 178 5.16 -0.75 -1.03
CA HIS B 178 5.83 0.51 -1.30
C HIS B 178 6.37 0.57 -2.74
N ALA B 179 5.89 -0.29 -3.63
CA ALA B 179 6.35 -0.33 -5.00
C ALA B 179 5.20 -0.07 -5.95
N ASN B 180 5.53 0.33 -7.16
CA ASN B 180 4.53 0.60 -8.19
C ASN B 180 4.23 -0.71 -8.90
N LEU B 181 3.12 -1.33 -8.53
CA LEU B 181 2.65 -2.57 -9.15
C LEU B 181 1.31 -2.36 -9.84
N ASP B 182 1.06 -1.12 -10.26
CA ASP B 182 -0.28 -0.72 -10.68
C ASP B 182 -0.77 -1.57 -11.85
N SER B 183 0.15 -1.95 -12.74
CA SER B 183 -0.20 -2.74 -13.92
C SER B 183 -0.36 -4.22 -13.64
N CYS B 184 0.04 -4.69 -12.46
CA CYS B 184 -0.07 -6.12 -12.16
C CYS B 184 -1.53 -6.53 -11.96
N LYS B 185 -1.88 -7.72 -12.43
CA LYS B 185 -3.25 -8.17 -12.44
C LYS B 185 -3.33 -9.69 -12.41
N ARG B 186 -4.24 -10.21 -11.58
CA ARG B 186 -4.63 -11.61 -11.61
C ARG B 186 -6.14 -11.68 -11.76
N VAL B 187 -6.60 -12.30 -12.85
CA VAL B 187 -8.04 -12.43 -13.11
C VAL B 187 -8.44 -13.86 -12.77
N LEU B 188 -9.47 -13.99 -11.94
CA LEU B 188 -10.03 -15.27 -11.55
C LEU B 188 -11.39 -15.44 -12.21
N ASN B 189 -11.58 -16.52 -12.96
CA ASN B 189 -12.86 -16.84 -13.57
C ASN B 189 -13.39 -18.13 -12.99
N VAL B 190 -14.66 -18.11 -12.58
CA VAL B 190 -15.29 -19.28 -11.98
C VAL B 190 -15.55 -20.31 -13.07
N VAL B 191 -15.23 -21.57 -12.79
CA VAL B 191 -15.61 -22.69 -13.66
C VAL B 191 -16.90 -23.27 -13.11
N CYS B 192 -17.97 -23.19 -13.90
CA CYS B 192 -19.28 -23.64 -13.46
C CYS B 192 -20.09 -24.00 -14.70
N LYS B 193 -21.24 -24.60 -14.47
CA LYS B 193 -22.16 -24.94 -15.55
C LYS B 193 -23.31 -23.96 -15.67
N THR B 194 -23.87 -23.48 -14.56
CA THR B 194 -25.10 -22.70 -14.57
C THR B 194 -24.96 -21.31 -13.97
N CYS B 195 -23.77 -20.92 -13.56
CA CYS B 195 -23.57 -19.63 -12.88
C CYS B 195 -23.21 -18.50 -13.83
N GLY B 196 -23.02 -18.78 -15.11
CA GLY B 196 -22.72 -17.73 -16.07
C GLY B 196 -21.27 -17.28 -15.97
N GLN B 197 -21.04 -16.03 -16.39
CA GLN B 197 -19.71 -15.43 -16.34
C GLN B 197 -19.52 -14.77 -14.98
N GLN B 198 -18.60 -15.31 -14.18
CA GLN B 198 -18.22 -14.72 -12.90
C GLN B 198 -16.71 -14.55 -12.88
N GLN B 199 -16.26 -13.32 -12.67
CA GLN B 199 -14.86 -12.95 -12.77
C GLN B 199 -14.57 -11.89 -11.73
N THR B 200 -13.44 -12.02 -11.05
CA THR B 200 -12.94 -10.95 -10.20
C THR B 200 -11.47 -10.75 -10.52
N THR B 201 -11.01 -9.50 -10.38
CA THR B 201 -9.66 -9.10 -10.73
C THR B 201 -8.94 -8.58 -9.49
N LEU B 202 -7.79 -9.16 -9.19
CA LEU B 202 -6.86 -8.61 -8.21
C LEU B 202 -5.90 -7.70 -8.93
N LYS B 203 -5.81 -6.44 -8.52
CA LYS B 203 -4.89 -5.49 -9.11
C LYS B 203 -3.83 -5.09 -8.08
N GLY B 204 -2.61 -4.91 -8.57
CA GLY B 204 -1.56 -4.43 -7.70
C GLY B 204 -0.95 -5.52 -6.84
N VAL B 205 -0.69 -5.20 -5.56
CA VAL B 205 0.12 -6.09 -4.73
C VAL B 205 -0.56 -7.42 -4.52
N GLU B 206 -1.89 -7.45 -4.44
CA GLU B 206 -2.59 -8.72 -4.26
C GLU B 206 -2.30 -9.68 -5.41
N ALA B 207 -2.02 -9.14 -6.59
CA ALA B 207 -1.80 -9.98 -7.77
C ALA B 207 -0.46 -10.71 -7.74
N VAL B 208 0.52 -10.24 -6.96
CA VAL B 208 1.86 -10.79 -7.03
C VAL B 208 2.17 -11.73 -5.89
N MET B 209 1.17 -12.09 -5.08
CA MET B 209 1.38 -12.91 -3.89
C MET B 209 0.30 -13.99 -3.86
N TYR B 210 0.69 -15.19 -3.45
CA TYR B 210 -0.29 -16.25 -3.25
C TYR B 210 0.15 -17.13 -2.09
N MET B 211 -0.80 -17.54 -1.26
CA MET B 211 -0.50 -18.34 -0.08
C MET B 211 -1.28 -19.64 -0.11
N GLY B 212 -0.58 -20.73 0.16
CA GLY B 212 -1.19 -22.05 0.25
C GLY B 212 -0.48 -23.14 -0.52
N THR B 213 0.25 -22.76 -1.57
CA THR B 213 1.02 -23.74 -2.33
C THR B 213 2.28 -23.06 -2.86
N LEU B 214 3.29 -23.89 -3.13
CA LEU B 214 4.54 -23.40 -3.71
C LEU B 214 4.55 -23.50 -5.23
N SER B 215 3.73 -24.37 -5.82
CA SER B 215 3.84 -24.71 -7.23
C SER B 215 3.05 -23.76 -8.09
N TYR B 216 3.71 -23.14 -9.07
CA TYR B 216 2.97 -22.30 -10.00
C TYR B 216 2.13 -23.14 -10.97
N GLU B 217 2.61 -24.32 -11.36
CA GLU B 217 1.83 -25.18 -12.24
C GLU B 217 0.53 -25.60 -11.55
N GLN B 218 0.59 -25.92 -10.27
CA GLN B 218 -0.63 -26.26 -9.53
C GLN B 218 -1.54 -25.04 -9.40
N PHE B 219 -0.97 -23.87 -9.06
CA PHE B 219 -1.78 -22.66 -8.86
C PHE B 219 -2.55 -22.30 -10.13
N LYS B 220 -1.89 -22.37 -11.29
CA LYS B 220 -2.55 -21.96 -12.53
C LYS B 220 -3.63 -22.96 -12.93
N LYS B 221 -3.35 -24.27 -12.81
CA LYS B 221 -4.29 -25.32 -13.16
C LYS B 221 -5.25 -25.56 -11.98
N GLY B 222 -6.16 -24.62 -11.81
CA GLY B 222 -7.12 -24.66 -10.72
C GLY B 222 -6.56 -24.05 -9.45
N VAL B 223 -7.44 -23.46 -8.67
CA VAL B 223 -7.04 -22.76 -7.46
C VAL B 223 -8.23 -22.73 -6.50
N THR B 234 -15.69 -23.05 -6.66
CA THR B 234 -14.80 -24.16 -6.38
C THR B 234 -13.58 -24.13 -7.31
N LYS B 235 -13.83 -24.29 -8.61
CA LYS B 235 -12.76 -24.28 -9.63
C LYS B 235 -12.70 -22.95 -10.35
N TYR B 236 -11.47 -22.47 -10.58
CA TYR B 236 -11.20 -21.17 -11.16
C TYR B 236 -10.18 -21.29 -12.29
N LEU B 237 -10.40 -20.54 -13.36
CA LEU B 237 -9.35 -20.27 -14.34
C LEU B 237 -8.63 -18.97 -14.00
N VAL B 238 -7.31 -19.03 -13.97
CA VAL B 238 -6.47 -17.92 -13.53
C VAL B 238 -5.74 -17.33 -14.74
N GLN B 239 -5.79 -16.01 -14.86
CA GLN B 239 -5.01 -15.26 -15.84
C GLN B 239 -4.05 -14.37 -15.05
N GLN B 240 -2.76 -14.66 -15.11
CA GLN B 240 -1.75 -13.99 -14.30
C GLN B 240 -0.93 -13.07 -15.17
N GLU B 241 -0.86 -11.79 -14.78
CA GLU B 241 -0.18 -10.75 -15.55
C GLU B 241 0.60 -9.87 -14.57
N SER B 242 1.86 -10.23 -14.36
CA SER B 242 2.75 -9.49 -13.48
C SER B 242 4.18 -9.87 -13.84
N PRO B 243 5.15 -9.02 -13.49
CA PRO B 243 6.56 -9.37 -13.75
C PRO B 243 7.05 -10.52 -12.89
N PHE B 244 6.41 -10.79 -11.75
CA PHE B 244 6.82 -11.86 -10.86
C PHE B 244 5.62 -12.26 -10.03
N VAL B 245 5.73 -13.42 -9.39
CA VAL B 245 4.76 -13.88 -8.40
C VAL B 245 5.50 -14.58 -7.27
N MET B 246 5.06 -14.33 -6.04
CA MET B 246 5.59 -15.00 -4.86
C MET B 246 4.55 -16.00 -4.37
N MET B 247 4.94 -17.27 -4.26
CA MET B 247 4.10 -18.32 -3.73
C MET B 247 4.67 -18.74 -2.38
N SER B 248 3.80 -18.89 -1.37
CA SER B 248 4.27 -19.30 -0.04
C SER B 248 3.36 -20.38 0.55
N ALA B 249 3.95 -21.23 1.38
CA ALA B 249 3.26 -22.31 2.05
C ALA B 249 4.03 -22.68 3.30
N PRO B 250 3.43 -23.41 4.22
CA PRO B 250 4.19 -23.88 5.40
C PRO B 250 5.44 -24.61 4.98
N PRO B 251 6.56 -24.40 5.66
CA PRO B 251 7.76 -25.16 5.32
C PRO B 251 7.46 -26.65 5.28
N ALA B 252 7.82 -27.27 4.15
CA ALA B 252 7.66 -28.71 3.99
C ALA B 252 8.72 -29.19 3.01
N GLN B 253 9.12 -30.45 3.15
CA GLN B 253 10.07 -31.01 2.20
C GLN B 253 9.54 -30.85 0.78
N TYR B 254 10.37 -30.29 -0.10
CA TYR B 254 9.94 -29.89 -1.43
C TYR B 254 11.16 -29.97 -2.34
N GLU B 255 10.97 -30.54 -3.52
CA GLU B 255 12.05 -30.67 -4.48
C GLU B 255 11.99 -29.48 -5.42
N LEU B 256 13.09 -28.73 -5.48
CA LEU B 256 13.23 -27.61 -6.42
C LEU B 256 13.90 -28.13 -7.68
N LYS B 257 13.19 -28.10 -8.80
CA LYS B 257 13.69 -28.59 -10.08
C LYS B 257 14.33 -27.43 -10.84
N HIS B 258 15.59 -27.60 -11.22
CA HIS B 258 16.28 -26.57 -11.96
C HIS B 258 15.45 -26.10 -13.15
N GLY B 259 15.38 -24.79 -13.34
CA GLY B 259 14.73 -24.22 -14.49
C GLY B 259 13.23 -24.04 -14.37
N THR B 260 12.61 -24.50 -13.28
CA THR B 260 11.17 -24.41 -13.12
C THR B 260 10.76 -23.27 -12.19
N PHE B 261 11.70 -22.46 -11.71
CA PHE B 261 11.44 -21.37 -10.79
C PHE B 261 12.61 -20.40 -10.91
N THR B 262 12.47 -19.23 -10.27
CA THR B 262 13.57 -18.27 -10.26
C THR B 262 14.41 -18.35 -8.99
N CYS B 263 13.78 -18.26 -7.81
CA CYS B 263 14.50 -18.42 -6.56
C CYS B 263 13.51 -18.79 -5.47
N ALA B 264 14.05 -19.20 -4.32
CA ALA B 264 13.20 -19.76 -3.27
C ALA B 264 13.82 -19.56 -1.90
N SER B 265 12.96 -19.55 -0.90
CA SER B 265 13.35 -19.42 0.50
C SER B 265 13.22 -20.78 1.17
N GLU B 266 14.32 -21.27 1.76
CA GLU B 266 14.29 -22.43 2.63
C GLU B 266 14.28 -21.94 4.08
N TYR B 267 13.50 -22.59 4.92
CA TYR B 267 13.43 -22.24 6.34
C TYR B 267 13.50 -23.50 7.19
N THR B 268 14.53 -23.59 8.02
CA THR B 268 14.69 -24.66 9.00
C THR B 268 14.40 -24.08 10.38
N GLY B 269 13.76 -24.89 11.22
CA GLY B 269 13.30 -24.37 12.50
C GLY B 269 14.00 -24.94 13.71
N ASN B 270 15.33 -25.03 13.64
CA ASN B 270 16.09 -25.72 14.67
C ASN B 270 15.96 -25.05 16.02
N TYR B 271 15.48 -25.81 17.01
CA TYR B 271 15.38 -25.35 18.39
C TYR B 271 14.59 -24.05 18.52
N GLN B 272 13.59 -23.89 17.65
CA GLN B 272 12.69 -22.75 17.63
C GLN B 272 13.41 -21.42 17.39
N CYS B 273 14.65 -21.47 16.94
CA CYS B 273 15.37 -20.30 16.44
C CYS B 273 15.70 -20.67 14.99
N GLY B 274 14.92 -20.15 14.03
CA GLY B 274 14.97 -20.64 12.66
C GLY B 274 16.02 -19.97 11.81
N HIS B 275 16.33 -20.59 10.68
CA HIS B 275 17.37 -20.10 9.79
C HIS B 275 16.92 -20.21 8.34
N TYR B 276 17.07 -19.12 7.59
CA TYR B 276 16.76 -19.10 6.17
C TYR B 276 17.99 -19.39 5.31
N LYS B 277 17.75 -20.03 4.18
CA LYS B 277 18.69 -20.07 3.08
C LYS B 277 17.97 -19.68 1.80
N HIS B 278 18.74 -19.29 0.79
CA HIS B 278 18.24 -18.84 -0.50
C HIS B 278 18.70 -19.80 -1.58
N ILE B 279 17.78 -20.27 -2.41
CA ILE B 279 18.13 -21.10 -3.56
C ILE B 279 17.74 -20.36 -4.82
N THR B 280 18.68 -20.25 -5.75
CA THR B 280 18.44 -19.58 -7.01
C THR B 280 18.80 -20.52 -8.15
N SER B 281 18.01 -20.45 -9.23
CA SER B 281 18.16 -21.32 -10.38
C SER B 281 18.84 -20.50 -11.47
N LYS B 282 20.12 -20.80 -11.72
CA LYS B 282 20.88 -20.21 -12.81
C LYS B 282 21.18 -21.30 -13.83
N GLU B 283 22.46 -21.49 -14.17
CA GLU B 283 22.82 -22.65 -15.00
C GLU B 283 22.75 -23.94 -14.19
N THR B 284 22.69 -23.83 -12.87
CA THR B 284 22.49 -24.93 -11.95
C THR B 284 21.90 -24.31 -10.69
N LEU B 285 21.69 -25.12 -9.66
CA LEU B 285 21.09 -24.62 -8.43
C LEU B 285 22.18 -24.09 -7.51
N TYR B 286 21.99 -22.87 -7.02
CA TYR B 286 22.89 -22.23 -6.07
C TYR B 286 22.14 -22.07 -4.76
N CYS B 287 22.69 -22.61 -3.67
CA CYS B 287 22.14 -22.42 -2.33
C CYS B 287 23.04 -21.40 -1.63
N ILE B 288 22.54 -20.18 -1.49
CA ILE B 288 23.29 -19.09 -0.88
C ILE B 288 22.83 -18.94 0.56
N ASP B 289 23.77 -19.12 1.49
CA ASP B 289 23.52 -19.09 2.93
C ASP B 289 24.43 -18.02 3.51
N GLY B 290 24.03 -16.76 3.37
CA GLY B 290 24.86 -15.63 3.68
C GLY B 290 26.09 -15.56 2.80
N ALA B 291 27.26 -15.72 3.43
CA ALA B 291 28.52 -15.76 2.70
C ALA B 291 28.82 -17.13 2.10
N LEU B 292 28.05 -18.14 2.45
CA LEU B 292 28.29 -19.51 2.03
C LEU B 292 27.55 -19.84 0.74
N LEU B 293 28.18 -20.69 -0.09
CA LEU B 293 27.61 -21.11 -1.36
C LEU B 293 27.79 -22.60 -1.56
N THR B 294 26.73 -23.27 -2.00
CA THR B 294 26.77 -24.68 -2.38
C THR B 294 26.02 -24.82 -3.70
N LYS B 295 26.66 -25.47 -4.67
CA LYS B 295 26.06 -25.69 -5.98
C LYS B 295 25.60 -27.12 -6.06
N SER B 296 24.46 -27.35 -6.70
CA SER B 296 23.96 -28.71 -6.86
C SER B 296 23.06 -28.77 -8.07
N SER B 297 22.91 -29.98 -8.60
CA SER B 297 21.99 -30.20 -9.71
C SER B 297 20.56 -30.34 -9.20
N GLU B 298 20.39 -30.84 -7.98
CA GLU B 298 19.08 -31.02 -7.36
C GLU B 298 19.08 -30.38 -5.98
N TYR B 299 17.89 -30.11 -5.48
CA TYR B 299 17.74 -29.56 -4.14
C TYR B 299 16.42 -30.03 -3.55
N LYS B 300 16.48 -30.63 -2.35
CA LYS B 300 15.32 -30.98 -1.57
C LYS B 300 15.50 -30.37 -0.19
N GLY B 301 14.49 -29.65 0.27
CA GLY B 301 14.55 -29.02 1.58
C GLY B 301 13.24 -28.43 2.01
N PRO B 302 13.18 -27.90 3.24
CA PRO B 302 11.93 -27.29 3.73
C PRO B 302 11.74 -25.90 3.16
N ILE B 303 11.10 -25.84 1.99
CA ILE B 303 10.89 -24.62 1.24
C ILE B 303 9.59 -23.98 1.70
N THR B 304 9.58 -22.65 1.80
CA THR B 304 8.41 -21.91 2.23
C THR B 304 8.00 -20.78 1.30
N ASP B 305 8.91 -20.24 0.47
CA ASP B 305 8.58 -19.30 -0.58
C ASP B 305 9.22 -19.76 -1.88
N VAL B 306 8.51 -19.60 -3.01
CA VAL B 306 9.10 -19.77 -4.33
C VAL B 306 8.68 -18.58 -5.18
N PHE B 307 9.64 -17.99 -5.91
CA PHE B 307 9.40 -16.83 -6.75
C PHE B 307 9.54 -17.22 -8.22
N TYR B 308 8.60 -16.75 -9.03
CA TYR B 308 8.58 -16.98 -10.46
C TYR B 308 8.53 -15.65 -11.17
N LYS B 309 9.18 -15.58 -12.33
CA LYS B 309 9.37 -14.34 -13.07
C LYS B 309 8.80 -14.49 -14.47
N GLU B 310 8.24 -13.39 -14.98
CA GLU B 310 7.69 -13.31 -16.33
C GLU B 310 8.67 -12.52 -17.18
N ASN B 311 9.47 -13.22 -17.98
CA ASN B 311 10.48 -12.55 -18.80
C ASN B 311 9.79 -11.94 -20.02
N SER B 312 10.09 -10.68 -20.29
CA SER B 312 9.48 -9.98 -21.43
C SER B 312 10.34 -8.83 -21.93
O1 A1A0V C . -15.93 -4.44 -12.33
C1 A1A0V C . -13.77 -14.61 -4.91
C2 A1A0V C . -14.13 -15.00 -6.17
C3 A1A0V C . -15.01 -14.19 -6.96
C4 A1A0V C . -15.39 -14.53 -8.28
C5 A1A0V C . -16.23 -13.72 -9.00
C6 A1A0V C . -16.74 -12.54 -8.45
C7 A1A0V C . -17.61 -11.66 -9.30
C8 A1A0V C . -17.73 -10.18 -8.97
C9 A1A0V C . -17.75 -9.38 -10.26
C10 A1A0V C . -17.86 -7.20 -11.39
C11 A1A0V C . -18.30 -5.75 -11.28
C12 A1A0V C . -18.23 -5.07 -12.65
C13 A1A0V C . -16.82 -5.13 -13.20
O2 A1A0V C . -18.21 -12.12 -10.24
C14 A1A0V C . -16.39 -6.57 -13.36
C15 A1A0V C . -16.48 -7.30 -12.03
N A1A0V C . -17.90 -7.91 -10.04
C A1A0V C . -12.14 -16.39 -4.87
O A1A0V C . -12.91 -15.39 -4.18
C16 A1A0V C . -19.16 -7.65 -9.25
C17 A1A0V C . -19.17 -8.40 -7.93
C18 A1A0V C . -19.00 -9.90 -8.16
C19 A1A0V C . -16.37 -12.17 -7.19
C20 A1A0V C . -15.50 -12.97 -6.41
C21 A1A0V C . -15.12 -12.64 -5.08
C22 A1A0V C . -14.29 -13.44 -4.36
H16 A1A0V C . -15.31 -3.93 -12.91
H4 A1A0V C . -13.74 -15.92 -6.59
H5 A1A0V C . -15.01 -15.46 -8.71
H6 A1A0V C . -16.49 -14.00 -10.02
H7 A1A0V C . -16.87 -9.90 -8.36
H8 A1A0V C . -18.56 -9.73 -10.90
H9 A1A0V C . -16.84 -9.58 -10.83
H10 A1A0V C . -18.57 -7.72 -12.03
H11 A1A0V C . -17.68 -5.19 -10.58
H12 A1A0V C . -19.31 -5.67 -10.90
H13 A1A0V C . -18.58 -4.04 -12.56
H14 A1A0V C . -18.93 -5.55 -13.32
H15 A1A0V C . -16.79 -4.65 -14.19
H18 A1A0V C . -15.38 -6.63 -13.75
H17 A1A0V C . -16.99 -7.07 -14.11
H19 A1A0V C . -15.70 -6.91 -11.36
H20 A1A0V C . -16.20 -8.35 -12.18
H3 A1A0V C . -11.42 -16.89 -4.22
H1 A1A0V C . -11.57 -15.99 -5.70
H2 A1A0V C . -12.76 -17.18 -5.30
H22 A1A0V C . -20.03 -7.93 -9.85
H21 A1A0V C . -19.27 -6.58 -9.08
H23 A1A0V C . -20.09 -8.20 -7.38
H24 A1A0V C . -18.38 -8.03 -7.28
H25 A1A0V C . -19.87 -10.31 -8.66
H26 A1A0V C . -18.96 -10.42 -7.20
H27 A1A0V C . -16.76 -11.25 -6.75
H28 A1A0V C . -15.52 -11.72 -4.65
H29 A1A0V C . -14.03 -13.16 -3.34
H A1A0V C . -17.16 -7.55 -9.44
C ACY D . -25.10 -0.21 -12.09
O ACY D . -26.26 -0.70 -12.12
OXT ACY D . -24.79 0.72 -11.32
CH3 ACY D . -23.99 -0.76 -13.04
H1 ACY D . -23.10 -0.47 -12.79
H2 ACY D . -24.11 -0.48 -13.96
H3 ACY D . -23.96 -1.72 -13.07
C1 GOL E . -25.47 12.78 -13.99
O1 GOL E . -25.96 11.79 -14.86
C2 GOL E . -24.23 13.44 -14.58
O2 GOL E . -23.57 14.14 -13.55
C3 GOL E . -23.34 12.39 -15.21
O3 GOL E . -22.24 12.99 -15.86
H11 GOL E . -25.23 12.41 -13.13
H12 GOL E . -26.14 13.47 -13.83
HO1 GOL E . -26.76 11.63 -14.65
H2 GOL E . -24.51 14.07 -15.27
HO2 GOL E . -23.34 13.54 -13.00
H31 GOL E . -23.87 11.87 -15.84
H32 GOL E . -23.04 11.77 -14.52
HO3 GOL E . -22.51 13.61 -16.37
O1 A1A0V F . 9.13 -13.90 11.93
C1 A1A0V F . 1.08 -20.16 4.42
C2 A1A0V F . 1.11 -20.76 5.65
C3 A1A0V F . 2.30 -20.72 6.43
C4 A1A0V F . 2.38 -21.31 7.72
C5 A1A0V F . 3.54 -21.22 8.46
C6 A1A0V F . 4.67 -20.58 7.96
C7 A1A0V F . 5.91 -20.51 8.79
C8 A1A0V F . 6.96 -19.42 8.50
C9 A1A0V F . 7.50 -18.87 9.79
C10 A1A0V F . 8.96 -17.24 10.93
C11 A1A0V F . 10.20 -16.35 10.82
C12 A1A0V F . 10.58 -15.80 12.19
C13 A1A0V F . 9.45 -15.00 12.79
O2 A1A0V F . 6.09 -21.30 9.70
C14 A1A0V F . 8.23 -15.89 12.95
C15 A1A0V F . 7.82 -16.50 11.60
N A1A0V F . 8.55 -17.80 9.57
C A1A0V F . -1.32 -20.49 4.34
O A1A0V F . -0.08 -20.18 3.66
C16 A1A0V F . 9.67 -18.35 8.74
C17 A1A0V F . 9.17 -18.89 7.42
C18 A1A0V F . 8.09 -19.95 7.62
C19 A1A0V F . 4.61 -19.99 6.71
C20 A1A0V F . 3.43 -20.04 5.93
C21 A1A0V F . 3.36 -19.45 4.64
C22 A1A0V F . 2.20 -19.53 3.90
H16 A1A0V F . 9.76 -13.17 12.17
H4 A1A0V F . 0.23 -21.27 6.04
H5 A1A0V F . 1.52 -21.83 8.11
H6 A1A0V F . 3.56 -21.66 9.46
H7 A1A0V F . 6.45 -18.63 7.93
H8 A1A0V F . 7.93 -19.67 10.39
H9 A1A0V F . 6.69 -18.46 10.39
H10 A1A0V F . 9.23 -18.10 11.54
H11 A1A0V F . 10.03 -15.53 10.13
H12 A1A0V F . 11.05 -16.90 10.41
H13 A1A0V F . 11.48 -15.20 12.10
H14 A1A0V F . 10.88 -16.62 12.84
H15 A1A0V F . 9.73 -14.61 13.76
H18 A1A0V F . 7.41 -15.34 13.38
H17 A1A0V F . 8.44 -16.67 13.68
H19 A1A0V F . 7.43 -15.71 10.97
H20 A1A0V F . 6.97 -17.16 11.77
H3 A1A0V F . -2.19 -20.30 3.72
H1 A1A0V F . -1.46 -19.91 5.25
H2 A1A0V F . -1.39 -21.53 4.63
H22 A1A0V F . 10.18 -19.15 9.30
H21 A1A0V F . 10.42 -17.59 8.58
H23 A1A0V F . 9.99 -19.29 6.83
H24 A1A0V F . 8.77 -18.08 6.80
H25 A1A0V F . 8.54 -20.85 8.08
H26 A1A0V F . 7.72 -20.30 6.67
H27 A1A0V F . 5.48 -19.47 6.32
H28 A1A0V F . 4.22 -18.94 4.24
H29 A1A0V F . 2.17 -19.09 2.90
H A1A0V F . 8.18 -17.04 9.01
C ACY G . 19.06 -16.66 11.86
O ACY G . 19.58 -17.81 11.77
OXT ACY G . 19.35 -15.71 11.11
CH3 ACY G . 18.00 -16.39 12.98
H1 ACY G . 17.24 -15.86 12.66
H2 ACY G . 18.34 -15.89 13.73
H3 ACY G . 17.61 -17.20 13.35
C1 GOL H . 27.77 -6.66 13.96
O1 GOL H . 27.46 -7.82 14.69
C2 GOL H . 27.12 -5.45 14.61
O2 GOL H . 27.08 -4.34 13.75
C3 GOL H . 25.70 -5.86 15.02
O3 GOL H . 25.01 -4.84 15.70
H11 GOL H . 27.46 -6.72 13.04
H12 GOL H . 28.73 -6.50 13.93
HO1 GOL H . 28.02 -8.43 14.46
H2 GOL H . 27.65 -5.21 15.39
HO2 GOL H . 26.51 -3.81 14.09
H31 GOL H . 25.77 -6.65 15.57
H32 GOL H . 25.23 -6.11 14.21
HO3 GOL H . 24.19 -5.08 15.72
#